data_3Q89
#
_entry.id   3Q89
#
_cell.length_a   186.613
_cell.length_b   73.055
_cell.length_c   102.272
_cell.angle_alpha   90.00
_cell.angle_beta   108.23
_cell.angle_gamma   90.00
#
_symmetry.space_group_name_H-M   'C 1 2 1'
#
loop_
_entity.id
_entity.type
_entity.pdbx_description
1 polymer 'Nucleoside diphosphate kinase'
2 non-polymer 'MAGNESIUM ION'
3 non-polymer "CYTIDINE-5'-DIPHOSPHATE"
4 water water
#
_entity_poly.entity_id   1
_entity_poly.type   'polypeptide(L)'
_entity_poly.pdbx_seq_one_letter_code
;MERTFLMIKPDAVQRNLIGEVISRIERKGLKLVGGKLMQVPMELAETHYGEHQGKPFYNDLISFITSAPVFAMVVEGEDA
VNVSRHIIGSTNPSEASPGSIRGDLGLTVGRNIIHGSDSLESAEREINLWFNENEITSYASPRDAWLYELEHHHHHH
;
_entity_poly.pdbx_strand_id   A,B,C,D,E,F,G,H
#
# COMPACT_ATOMS: atom_id res chain seq x y z
N MET A 1 -27.03 0.53 -24.55
CA MET A 1 -26.96 0.04 -23.14
C MET A 1 -27.65 0.98 -22.18
N GLU A 2 -28.18 0.42 -21.10
CA GLU A 2 -28.85 1.21 -20.08
C GLU A 2 -27.97 2.36 -19.52
N ARG A 3 -28.61 3.51 -19.32
CA ARG A 3 -27.94 4.68 -18.84
C ARG A 3 -28.74 5.26 -17.71
N THR A 4 -28.06 6.00 -16.84
CA THR A 4 -28.70 6.68 -15.73
C THR A 4 -28.02 8.00 -15.51
N PHE A 5 -28.70 8.87 -14.78
CA PHE A 5 -28.13 10.16 -14.41
C PHE A 5 -27.61 10.13 -12.97
N LEU A 6 -26.38 10.57 -12.78
CA LEU A 6 -25.82 10.72 -11.42
C LEU A 6 -25.33 12.14 -11.19
N MET A 7 -25.37 12.58 -9.95
CA MET A 7 -24.95 13.93 -9.65
C MET A 7 -24.22 13.98 -8.33
N ILE A 8 -22.97 14.41 -8.37
CA ILE A 8 -22.23 14.64 -7.13
C ILE A 8 -22.64 15.99 -6.58
N LYS A 9 -23.26 15.96 -5.40
CA LYS A 9 -23.90 17.14 -4.82
C LYS A 9 -22.88 18.15 -4.26
N PRO A 10 -23.33 19.38 -3.96
CA PRO A 10 -22.41 20.37 -3.44
C PRO A 10 -21.70 19.97 -2.16
N ASP A 11 -22.33 19.20 -1.28
CA ASP A 11 -21.63 18.74 -0.08
C ASP A 11 -20.36 17.97 -0.38
N ALA A 12 -20.44 17.00 -1.29
CA ALA A 12 -19.26 16.25 -1.72
C ALA A 12 -18.19 17.14 -2.35
N VAL A 13 -18.61 18.07 -3.20
CA VAL A 13 -17.72 19.01 -3.87
C VAL A 13 -16.98 19.85 -2.86
N GLN A 14 -17.71 20.31 -1.84
CA GLN A 14 -17.12 21.18 -0.82
C GLN A 14 -16.27 20.42 0.21
N ARG A 15 -16.45 19.12 0.26
CA ARG A 15 -15.65 18.24 1.10
C ARG A 15 -14.50 17.60 0.32
N ASN A 16 -14.38 17.96 -0.95
CA ASN A 16 -13.36 17.43 -1.85
C ASN A 16 -13.42 15.93 -2.07
N LEU A 17 -14.61 15.41 -2.33
CA LEU A 17 -14.78 13.98 -2.52
C LEU A 17 -15.08 13.56 -3.95
N ILE A 18 -14.89 14.46 -4.90
CA ILE A 18 -15.22 14.18 -6.28
C ILE A 18 -14.46 12.94 -6.73
N GLY A 19 -13.14 12.97 -6.55
CA GLY A 19 -12.30 11.83 -6.87
C GLY A 19 -12.74 10.52 -6.23
N GLU A 20 -12.94 10.56 -4.91
CA GLU A 20 -13.41 9.40 -4.16
C GLU A 20 -14.72 8.81 -4.71
N VAL A 21 -15.72 9.66 -4.93
CA VAL A 21 -17.00 9.22 -5.49
C VAL A 21 -16.89 8.62 -6.89
N ILE A 22 -16.15 9.30 -7.77
CA ILE A 22 -15.95 8.80 -9.12
C ILE A 22 -15.25 7.43 -9.12
N SER A 23 -14.22 7.25 -8.30
CA SER A 23 -13.54 5.94 -8.17
C SER A 23 -14.50 4.81 -7.85
N ARG A 24 -15.38 5.03 -6.87
CA ARG A 24 -16.39 4.05 -6.45
C ARG A 24 -17.36 3.67 -7.58
N ILE A 25 -17.74 4.63 -8.42
CA ILE A 25 -18.57 4.36 -9.59
C ILE A 25 -17.78 3.58 -10.63
N GLU A 26 -16.63 4.11 -11.05
CA GLU A 26 -15.74 3.48 -12.04
C GLU A 26 -15.46 1.99 -11.78
N ARG A 27 -15.00 1.68 -10.57
CA ARG A 27 -14.50 0.37 -10.23
C ARG A 27 -15.62 -0.65 -10.18
N LYS A 28 -16.85 -0.17 -9.99
CA LYS A 28 -18.03 -1.05 -10.03
C LYS A 28 -18.25 -1.65 -11.41
N GLY A 29 -17.79 -0.94 -12.44
CA GLY A 29 -17.89 -1.39 -13.83
C GLY A 29 -18.80 -0.51 -14.69
N LEU A 30 -19.34 0.54 -14.09
CA LEU A 30 -20.15 1.47 -14.83
C LEU A 30 -19.24 2.37 -15.65
N LYS A 31 -19.76 2.86 -16.77
CA LYS A 31 -18.96 3.63 -17.71
C LYS A 31 -19.36 5.09 -17.67
N LEU A 32 -18.39 5.95 -17.42
CA LEU A 32 -18.64 7.38 -17.46
C LEU A 32 -18.77 7.81 -18.90
N VAL A 33 -19.94 8.32 -19.24
CA VAL A 33 -20.30 8.52 -20.62
C VAL A 33 -20.57 10.00 -20.89
N GLY A 34 -21.04 10.67 -19.85
CA GLY A 34 -21.11 12.13 -19.82
C GLY A 34 -20.78 12.66 -18.44
N GLY A 35 -20.08 13.78 -18.38
CA GLY A 35 -19.75 14.40 -17.10
C GLY A 35 -19.33 15.84 -17.25
N LYS A 36 -19.76 16.69 -16.32
CA LYS A 36 -19.39 18.08 -16.36
C LYS A 36 -19.58 18.75 -15.01
N LEU A 37 -18.54 19.45 -14.54
CA LEU A 37 -18.66 20.31 -13.38
C LEU A 37 -19.39 21.62 -13.73
N MET A 38 -20.50 21.90 -13.06
CA MET A 38 -21.34 23.04 -13.43
C MET A 38 -22.09 23.68 -12.27
N GLN A 39 -22.19 25.00 -12.28
CA GLN A 39 -23.07 25.70 -11.35
C GLN A 39 -24.51 25.48 -11.79
N VAL A 40 -25.39 25.25 -10.83
CA VAL A 40 -26.77 24.92 -11.13
C VAL A 40 -27.70 26.14 -11.20
N PRO A 41 -28.29 26.40 -12.38
CA PRO A 41 -29.21 27.52 -12.53
C PRO A 41 -30.50 27.28 -11.76
N MET A 42 -31.04 28.36 -11.19
CA MET A 42 -32.25 28.31 -10.37
C MET A 42 -33.39 27.59 -11.09
N GLU A 43 -33.61 27.97 -12.37
CA GLU A 43 -34.54 27.25 -13.23
C GLU A 43 -34.34 25.75 -13.13
N LEU A 44 -33.16 25.25 -13.61
CA LEU A 44 -32.83 23.82 -13.61
C LEU A 44 -33.08 23.08 -12.28
N ALA A 45 -32.81 23.73 -11.15
CA ALA A 45 -32.99 23.09 -9.86
C ALA A 45 -34.44 22.72 -9.63
N GLU A 46 -35.33 23.71 -9.80
CA GLU A 46 -36.77 23.57 -9.54
C GLU A 46 -37.41 22.49 -10.40
N THR A 47 -37.10 22.50 -11.70
CA THR A 47 -37.67 21.52 -12.61
C THR A 47 -37.16 20.09 -12.34
N HIS A 48 -35.86 19.96 -11.99
CA HIS A 48 -35.27 18.68 -11.58
C HIS A 48 -35.95 18.08 -10.35
N TYR A 49 -36.08 18.86 -9.29
CA TYR A 49 -36.75 18.45 -8.06
C TYR A 49 -38.22 18.89 -8.04
N GLY A 50 -38.83 18.98 -9.24
CA GLY A 50 -40.25 19.29 -9.38
C GLY A 50 -41.14 18.45 -8.47
N GLU A 51 -40.87 17.13 -8.46
CA GLU A 51 -41.75 16.12 -7.84
C GLU A 51 -41.92 16.24 -6.33
N HIS A 52 -41.01 16.94 -5.68
CA HIS A 52 -41.04 17.15 -4.24
C HIS A 52 -41.82 18.40 -3.88
N GLN A 53 -42.06 19.26 -4.88
CA GLN A 53 -42.48 20.69 -4.79
C GLN A 53 -43.24 21.25 -3.57
N GLY A 54 -44.08 20.41 -2.96
CA GLY A 54 -44.87 20.77 -1.78
C GLY A 54 -44.16 20.65 -0.44
N LYS A 55 -43.27 19.72 -0.21
CA LYS A 55 -42.68 19.11 0.98
C LYS A 55 -42.10 20.17 1.91
N PRO A 56 -41.74 19.57 3.24
CA PRO A 56 -41.15 20.39 4.30
C PRO A 56 -39.67 20.72 4.09
N PHE A 57 -39.03 20.06 3.12
CA PHE A 57 -37.60 20.20 2.85
C PHE A 57 -37.28 20.72 1.43
N TYR A 58 -38.27 21.29 0.74
CA TYR A 58 -38.05 21.75 -0.64
C TYR A 58 -37.29 23.07 -0.69
N ASN A 59 -37.67 24.04 0.14
CA ASN A 59 -36.99 25.33 0.13
C ASN A 59 -35.50 25.13 0.31
N ASP A 60 -35.17 24.34 1.32
CA ASP A 60 -33.79 24.07 1.67
C ASP A 60 -33.04 23.13 0.68
N LEU A 61 -33.76 22.37 -0.14
CA LEU A 61 -33.17 21.61 -1.25
C LEU A 61 -32.73 22.48 -2.41
N ILE A 62 -33.42 23.58 -2.63
CA ILE A 62 -33.13 24.43 -3.76
C ILE A 62 -31.90 25.24 -3.43
N SER A 63 -31.91 25.81 -2.22
CA SER A 63 -30.82 26.66 -1.72
C SER A 63 -29.53 25.86 -1.66
N PHE A 64 -29.66 24.61 -1.23
CA PHE A 64 -28.51 23.73 -1.09
C PHE A 64 -27.93 23.37 -2.44
N ILE A 65 -28.76 22.86 -3.35
CA ILE A 65 -28.26 22.35 -4.63
C ILE A 65 -27.67 23.43 -5.51
N THR A 66 -27.92 24.68 -5.15
CA THR A 66 -27.41 25.81 -5.91
C THR A 66 -26.29 26.56 -5.18
N SER A 67 -25.97 26.14 -3.94
CA SER A 67 -24.97 26.82 -3.14
C SER A 67 -23.51 26.59 -3.55
N ALA A 68 -23.27 25.68 -4.49
CA ALA A 68 -21.94 25.42 -5.04
C ALA A 68 -22.10 24.54 -6.26
N PRO A 69 -21.03 24.38 -7.05
CA PRO A 69 -21.15 23.54 -8.23
C PRO A 69 -21.48 22.09 -7.91
N VAL A 70 -21.77 21.32 -8.97
CA VAL A 70 -22.06 19.90 -8.84
C VAL A 70 -21.34 19.18 -9.95
N PHE A 71 -21.18 17.88 -9.84
CA PHE A 71 -20.66 17.13 -10.95
C PHE A 71 -21.77 16.31 -11.51
N ALA A 72 -22.26 16.73 -12.67
CA ALA A 72 -23.36 16.06 -13.33
C ALA A 72 -22.79 14.96 -14.18
N MET A 73 -23.37 13.76 -14.06
CA MET A 73 -22.84 12.60 -14.74
C MET A 73 -23.90 11.84 -15.53
N VAL A 74 -23.49 11.19 -16.61
CA VAL A 74 -24.32 10.19 -17.27
C VAL A 74 -23.53 8.91 -17.34
N VAL A 75 -24.03 7.90 -16.66
CA VAL A 75 -23.29 6.67 -16.53
C VAL A 75 -23.99 5.56 -17.31
N GLU A 76 -23.21 4.69 -17.89
CA GLU A 76 -23.75 3.66 -18.75
C GLU A 76 -23.27 2.28 -18.32
N GLY A 77 -24.20 1.32 -18.32
CA GLY A 77 -23.89 -0.05 -17.99
C GLY A 77 -25.17 -0.83 -17.89
N GLU A 78 -25.03 -2.16 -17.93
CA GLU A 78 -26.16 -3.05 -17.83
C GLU A 78 -26.77 -2.94 -16.43
N ASP A 79 -28.07 -2.66 -16.40
CA ASP A 79 -28.80 -2.48 -15.17
C ASP A 79 -28.34 -1.23 -14.41
N ALA A 80 -27.81 -0.25 -15.15
CA ALA A 80 -27.28 0.99 -14.58
C ALA A 80 -28.13 1.67 -13.50
N VAL A 81 -29.44 1.81 -13.71
CA VAL A 81 -30.24 2.55 -12.73
C VAL A 81 -30.18 1.94 -11.34
N ASN A 82 -30.48 0.65 -11.25
CA ASN A 82 -30.51 -0.05 -9.97
C ASN A 82 -29.14 -0.39 -9.40
N VAL A 83 -28.14 -0.66 -10.26
CA VAL A 83 -26.73 -0.82 -9.85
C VAL A 83 -26.24 0.44 -9.18
N SER A 84 -26.46 1.58 -9.83
CA SER A 84 -26.12 2.88 -9.26
C SER A 84 -26.77 3.11 -7.93
N ARG A 85 -28.07 2.83 -7.84
CA ARG A 85 -28.77 2.98 -6.57
C ARG A 85 -28.19 2.07 -5.50
N HIS A 86 -27.76 0.89 -5.90
CA HIS A 86 -27.17 -0.07 -5.01
C HIS A 86 -25.91 0.46 -4.35
N ILE A 87 -24.95 0.93 -5.15
CA ILE A 87 -23.70 1.46 -4.61
C ILE A 87 -23.87 2.83 -3.93
N ILE A 88 -24.95 3.53 -4.25
CA ILE A 88 -25.20 4.81 -3.63
C ILE A 88 -25.68 4.61 -2.18
N GLY A 89 -26.67 3.73 -1.98
CA GLY A 89 -27.19 3.41 -0.65
C GLY A 89 -28.43 4.18 -0.31
N SER A 90 -29.17 3.72 0.69
CA SER A 90 -30.43 4.34 1.12
C SER A 90 -30.29 5.84 1.31
N THR A 91 -31.40 6.55 1.16
CA THR A 91 -31.44 8.01 1.28
C THR A 91 -30.80 8.50 2.56
N ASN A 92 -31.21 7.93 3.69
CA ASN A 92 -30.63 8.29 4.98
C ASN A 92 -29.31 7.55 5.18
N PRO A 93 -28.18 8.29 5.23
CA PRO A 93 -26.87 7.71 5.37
C PRO A 93 -26.70 6.85 6.63
N SER A 94 -27.58 7.07 7.60
CA SER A 94 -27.64 6.28 8.84
C SER A 94 -28.25 4.90 8.64
N GLU A 95 -28.86 4.66 7.48
CA GLU A 95 -29.45 3.38 7.13
C GLU A 95 -28.81 2.76 5.89
N ALA A 96 -28.16 3.58 5.08
CA ALA A 96 -27.39 3.09 3.93
C ALA A 96 -26.31 2.12 4.39
N SER A 97 -26.11 1.04 3.64
CA SER A 97 -25.17 -0.01 4.02
C SER A 97 -23.79 0.55 4.06
N PRO A 98 -23.00 0.14 5.09
CA PRO A 98 -21.60 0.49 5.10
C PRO A 98 -21.00 -0.09 3.84
N GLY A 99 -20.11 0.66 3.20
CA GLY A 99 -19.55 0.26 1.92
C GLY A 99 -20.13 1.04 0.76
N SER A 100 -21.39 1.45 0.89
CA SER A 100 -22.04 2.27 -0.12
C SER A 100 -21.56 3.69 0.03
N ILE A 101 -21.69 4.49 -1.02
CA ILE A 101 -21.23 5.87 -0.99
C ILE A 101 -21.82 6.64 0.21
N ARG A 102 -23.15 6.69 0.29
CA ARG A 102 -23.80 7.42 1.36
C ARG A 102 -23.43 6.81 2.71
N GLY A 103 -23.45 5.49 2.77
CA GLY A 103 -23.07 4.73 3.97
C GLY A 103 -21.74 5.12 4.56
N ASP A 104 -20.75 5.30 3.70
CA ASP A 104 -19.39 5.60 4.13
C ASP A 104 -19.09 7.08 4.28
N LEU A 105 -19.75 7.92 3.48
CA LEU A 105 -19.35 9.32 3.35
C LEU A 105 -20.32 10.36 3.85
N GLY A 106 -21.60 10.06 3.89
CA GLY A 106 -22.60 11.08 4.27
C GLY A 106 -23.04 11.00 5.71
N LEU A 107 -23.59 12.10 6.23
CA LEU A 107 -23.99 12.12 7.64
C LEU A 107 -25.48 12.21 7.86
N THR A 108 -26.13 13.07 7.09
CA THR A 108 -27.55 13.41 7.29
C THR A 108 -28.27 13.28 5.96
N VAL A 109 -29.55 12.94 6.02
CA VAL A 109 -30.39 12.77 4.83
C VAL A 109 -30.35 13.98 3.86
N GLY A 110 -30.28 15.18 4.41
CA GLY A 110 -30.27 16.40 3.59
C GLY A 110 -28.94 16.63 2.90
N ARG A 111 -27.88 16.17 3.54
CA ARG A 111 -26.53 16.25 3.00
C ARG A 111 -25.96 14.85 2.72
N ASN A 112 -26.33 14.26 1.60
CA ASN A 112 -25.97 12.86 1.33
C ASN A 112 -25.25 12.60 0.01
N ILE A 113 -24.29 13.47 -0.30
CA ILE A 113 -23.21 13.21 -1.26
C ILE A 113 -23.60 13.17 -2.73
N ILE A 114 -24.54 12.31 -3.08
CA ILE A 114 -24.78 12.01 -4.47
C ILE A 114 -26.25 11.71 -4.74
N HIS A 115 -26.74 12.16 -5.88
CA HIS A 115 -28.07 11.81 -6.38
C HIS A 115 -27.95 10.80 -7.50
N GLY A 116 -28.91 9.87 -7.52
CA GLY A 116 -29.05 8.87 -8.58
C GLY A 116 -30.50 8.83 -9.05
N SER A 117 -30.69 8.63 -10.36
CA SER A 117 -32.00 8.47 -10.93
C SER A 117 -32.65 7.32 -10.22
N ASP A 118 -33.92 7.45 -9.87
CA ASP A 118 -34.60 6.38 -9.13
C ASP A 118 -35.42 5.34 -9.95
N SER A 119 -35.46 5.50 -11.28
CA SER A 119 -36.18 4.60 -12.18
C SER A 119 -35.74 4.83 -13.62
N LEU A 120 -36.00 3.87 -14.49
CA LEU A 120 -35.72 4.05 -15.91
C LEU A 120 -36.44 5.26 -16.49
N GLU A 121 -37.63 5.54 -15.96
CA GLU A 121 -38.43 6.66 -16.35
C GLU A 121 -37.63 7.91 -16.05
N SER A 122 -37.53 8.28 -14.78
CA SER A 122 -36.83 9.50 -14.34
C SER A 122 -35.36 9.57 -14.81
N ALA A 123 -34.77 8.43 -15.14
CA ALA A 123 -33.45 8.38 -15.73
C ALA A 123 -33.45 9.10 -17.07
N GLU A 124 -34.41 8.77 -17.93
CA GLU A 124 -34.44 9.38 -19.26
C GLU A 124 -34.82 10.85 -19.16
N ARG A 125 -35.72 11.17 -18.23
CA ARG A 125 -36.07 12.55 -17.99
C ARG A 125 -34.85 13.37 -17.57
N GLU A 126 -34.18 12.91 -16.49
CA GLU A 126 -33.05 13.61 -15.92
C GLU A 126 -31.88 13.74 -16.91
N ILE A 127 -31.58 12.69 -17.66
CA ILE A 127 -30.53 12.77 -18.69
C ILE A 127 -30.80 13.88 -19.72
N ASN A 128 -32.04 13.98 -20.20
CA ASN A 128 -32.38 14.97 -21.21
C ASN A 128 -32.44 16.39 -20.64
N LEU A 129 -32.80 16.49 -19.37
CA LEU A 129 -32.88 17.78 -18.70
C LEU A 129 -31.51 18.39 -18.48
N TRP A 130 -30.52 17.58 -18.12
CA TRP A 130 -29.19 18.06 -17.74
C TRP A 130 -28.18 18.06 -18.87
N PHE A 131 -28.39 17.19 -19.86
CA PHE A 131 -27.44 16.98 -20.94
C PHE A 131 -28.08 17.03 -22.32
N ASN A 132 -27.32 17.53 -23.30
CA ASN A 132 -27.70 17.43 -24.70
C ASN A 132 -26.85 16.36 -25.39
N GLU A 133 -27.51 15.53 -26.22
CA GLU A 133 -26.89 14.41 -26.97
C GLU A 133 -25.41 14.59 -27.33
N ASN A 134 -25.03 15.80 -27.75
CA ASN A 134 -23.67 16.10 -28.18
C ASN A 134 -22.63 16.20 -27.04
N GLU A 135 -23.13 16.28 -25.80
CA GLU A 135 -22.29 16.23 -24.58
C GLU A 135 -22.03 14.80 -24.12
N ILE A 136 -22.84 13.87 -24.63
CA ILE A 136 -22.76 12.46 -24.22
C ILE A 136 -22.03 11.64 -25.27
N THR A 137 -20.82 11.22 -24.94
CA THR A 137 -20.01 10.41 -25.83
C THR A 137 -20.48 8.96 -25.73
N SER A 138 -19.96 8.09 -26.59
CA SER A 138 -20.37 6.70 -26.64
C SER A 138 -19.17 6.01 -27.20
N TYR A 139 -18.57 5.11 -26.44
CA TYR A 139 -17.28 4.52 -26.80
C TYR A 139 -17.13 3.15 -26.18
N ALA A 140 -16.33 2.30 -26.81
CA ALA A 140 -16.00 0.98 -26.30
C ALA A 140 -14.79 1.04 -25.35
N SER A 141 -14.85 0.24 -24.31
CA SER A 141 -13.77 0.15 -23.37
C SER A 141 -13.19 -1.27 -23.40
N PRO A 142 -11.86 -1.39 -23.24
CA PRO A 142 -11.20 -2.65 -23.16
C PRO A 142 -11.84 -3.66 -22.20
N ARG A 143 -12.43 -3.18 -21.10
CA ARG A 143 -12.95 -4.06 -20.06
C ARG A 143 -14.35 -4.57 -20.36
N ASP A 144 -15.06 -3.92 -21.28
CA ASP A 144 -16.43 -4.35 -21.64
C ASP A 144 -16.55 -5.84 -21.90
N ALA A 145 -15.54 -6.42 -22.57
CA ALA A 145 -15.52 -7.85 -22.88
C ALA A 145 -15.45 -8.73 -21.62
N TRP A 146 -15.22 -8.07 -20.48
CA TRP A 146 -14.95 -8.76 -19.24
C TRP A 146 -15.90 -8.38 -18.11
N LEU A 147 -16.86 -7.50 -18.39
CA LEU A 147 -17.91 -7.17 -17.43
C LEU A 147 -19.17 -7.93 -17.77
N TYR A 148 -19.41 -8.09 -19.08
CA TYR A 148 -20.60 -8.76 -19.60
C TYR A 148 -20.28 -9.96 -20.46
N GLU A 149 -21.30 -10.81 -20.59
CA GLU A 149 -21.39 -11.87 -21.60
C GLU A 149 -21.59 -11.27 -22.98
N MET B 1 -23.49 19.41 20.59
CA MET B 1 -23.77 18.31 19.62
C MET B 1 -23.52 16.95 20.26
N GLU B 2 -24.29 15.96 19.84
CA GLU B 2 -24.18 14.61 20.36
C GLU B 2 -22.75 14.09 20.25
N ARG B 3 -22.34 13.38 21.29
CA ARG B 3 -21.02 12.81 21.40
C ARG B 3 -21.10 11.36 21.82
N THR B 4 -20.08 10.60 21.46
CA THR B 4 -20.01 9.21 21.84
C THR B 4 -18.58 8.87 22.17
N PHE B 5 -18.39 7.72 22.82
CA PHE B 5 -17.06 7.23 23.13
C PHE B 5 -16.71 6.10 22.17
N LEU B 6 -15.52 6.20 21.55
CA LEU B 6 -15.00 5.13 20.71
C LEU B 6 -13.63 4.69 21.21
N MET B 7 -13.28 3.44 20.97
CA MET B 7 -12.03 2.89 21.43
C MET B 7 -11.45 1.91 20.43
N ILE B 8 -10.27 2.24 19.89
CA ILE B 8 -9.57 1.32 19.03
C ILE B 8 -8.88 0.27 19.93
N LYS B 9 -9.31 -0.97 19.78
CA LYS B 9 -8.89 -2.03 20.69
C LYS B 9 -7.46 -2.51 20.42
N PRO B 10 -6.87 -3.26 21.36
CA PRO B 10 -5.49 -3.66 21.15
C PRO B 10 -5.25 -4.47 19.89
N ASP B 11 -6.23 -5.21 19.40
CA ASP B 11 -6.02 -5.99 18.17
C ASP B 11 -5.69 -5.07 16.99
N ALA B 12 -6.44 -3.98 16.87
CA ALA B 12 -6.22 -3.02 15.80
C ALA B 12 -4.84 -2.34 15.90
N VAL B 13 -4.49 -1.98 17.13
CA VAL B 13 -3.19 -1.38 17.43
C VAL B 13 -2.06 -2.34 17.06
N GLN B 14 -2.23 -3.62 17.42
CA GLN B 14 -1.19 -4.59 17.15
C GLN B 14 -1.12 -4.99 15.69
N ARG B 15 -2.23 -4.80 14.97
CA ARG B 15 -2.25 -5.03 13.52
C ARG B 15 -1.93 -3.77 12.71
N ASN B 16 -1.58 -2.68 13.42
CA ASN B 16 -1.29 -1.40 12.79
C ASN B 16 -2.43 -0.80 11.95
N LEU B 17 -3.62 -0.74 12.51
CA LEU B 17 -4.78 -0.26 11.79
C LEU B 17 -5.32 1.05 12.35
N ILE B 18 -4.56 1.71 13.22
CA ILE B 18 -5.05 2.96 13.83
C ILE B 18 -5.45 3.97 12.76
N GLY B 19 -4.53 4.28 11.86
CA GLY B 19 -4.82 5.12 10.69
C GLY B 19 -6.03 4.69 9.89
N GLU B 20 -6.07 3.42 9.49
CA GLU B 20 -7.19 2.92 8.72
C GLU B 20 -8.51 3.20 9.45
N VAL B 21 -8.60 2.81 10.72
CA VAL B 21 -9.81 3.01 11.50
C VAL B 21 -10.20 4.50 11.60
N ILE B 22 -9.22 5.34 11.91
CA ILE B 22 -9.49 6.77 12.09
C ILE B 22 -10.03 7.40 10.79
N SER B 23 -9.41 7.06 9.65
CA SER B 23 -9.92 7.47 8.32
C SER B 23 -11.41 7.15 8.12
N ARG B 24 -11.80 5.92 8.46
CA ARG B 24 -13.19 5.48 8.29
C ARG B 24 -14.15 6.29 9.16
N ILE B 25 -13.70 6.69 10.34
CA ILE B 25 -14.49 7.57 11.19
C ILE B 25 -14.55 8.97 10.60
N GLU B 26 -13.38 9.58 10.36
CA GLU B 26 -13.27 10.93 9.79
C GLU B 26 -14.15 11.15 8.57
N ARG B 27 -14.07 10.25 7.61
CA ARG B 27 -14.63 10.51 6.31
C ARG B 27 -16.14 10.41 6.38
N LYS B 28 -16.60 9.64 7.35
CA LYS B 28 -18.03 9.53 7.64
C LYS B 28 -18.67 10.86 8.10
N GLY B 29 -17.85 11.82 8.54
CA GLY B 29 -18.31 13.17 8.89
C GLY B 29 -18.33 13.43 10.37
N LEU B 30 -17.88 12.44 11.14
CA LEU B 30 -17.81 12.58 12.59
C LEU B 30 -16.58 13.36 12.94
N LYS B 31 -16.66 14.11 14.04
CA LYS B 31 -15.56 14.97 14.45
C LYS B 31 -14.79 14.37 15.61
N LEU B 32 -13.48 14.24 15.43
CA LEU B 32 -12.61 13.77 16.52
C LEU B 32 -12.36 14.93 17.46
N VAL B 33 -12.77 14.76 18.70
CA VAL B 33 -12.95 15.86 19.63
C VAL B 33 -12.11 15.59 20.87
N GLY B 34 -11.90 14.32 21.15
CA GLY B 34 -10.88 13.89 22.11
C GLY B 34 -10.27 12.59 21.64
N GLY B 35 -8.99 12.42 21.90
CA GLY B 35 -8.32 11.18 21.53
C GLY B 35 -6.97 11.07 22.19
N LYS B 36 -6.63 9.87 22.64
CA LYS B 36 -5.34 9.62 23.30
C LYS B 36 -4.95 8.16 23.27
N LEU B 37 -3.71 7.89 22.90
CA LEU B 37 -3.15 6.54 22.98
C LEU B 37 -2.72 6.26 24.41
N MET B 38 -3.23 5.20 25.00
CA MET B 38 -3.03 4.95 26.42
C MET B 38 -3.08 3.48 26.76
N GLN B 39 -2.22 3.06 27.69
CA GLN B 39 -2.31 1.75 28.31
C GLN B 39 -3.48 1.74 29.31
N VAL B 40 -4.27 0.68 29.29
CA VAL B 40 -5.46 0.62 30.14
C VAL B 40 -5.15 0.06 31.54
N PRO B 41 -5.36 0.86 32.59
CA PRO B 41 -5.19 0.37 33.96
C PRO B 41 -6.24 -0.70 34.28
N MET B 42 -5.83 -1.71 35.03
CA MET B 42 -6.70 -2.82 35.44
C MET B 42 -8.06 -2.37 35.99
N GLU B 43 -8.10 -1.32 36.81
CA GLU B 43 -9.37 -0.84 37.34
C GLU B 43 -10.29 -0.38 36.22
N LEU B 44 -9.83 0.59 35.42
CA LEU B 44 -10.64 1.18 34.35
C LEU B 44 -11.22 0.16 33.39
N ALA B 45 -10.51 -0.96 33.21
CA ALA B 45 -11.02 -2.06 32.38
C ALA B 45 -12.24 -2.69 33.03
N GLU B 46 -12.12 -3.10 34.30
CA GLU B 46 -13.21 -3.73 35.06
C GLU B 46 -14.45 -2.85 35.13
N THR B 47 -14.28 -1.58 35.51
CA THR B 47 -15.41 -0.66 35.66
C THR B 47 -16.05 -0.33 34.31
N HIS B 48 -15.24 -0.19 33.26
CA HIS B 48 -15.73 -0.01 31.88
C HIS B 48 -16.63 -1.15 31.42
N TYR B 49 -16.18 -2.39 31.50
CA TYR B 49 -17.01 -3.53 31.16
C TYR B 49 -17.71 -4.16 32.39
N GLY B 50 -18.02 -3.32 33.38
CA GLY B 50 -18.76 -3.71 34.56
C GLY B 50 -19.87 -4.69 34.20
N GLU B 51 -20.62 -4.36 33.15
CA GLU B 51 -21.84 -5.10 32.75
C GLU B 51 -21.66 -6.57 32.37
N HIS B 52 -20.44 -7.03 32.13
CA HIS B 52 -20.26 -8.42 31.73
C HIS B 52 -19.62 -9.27 32.82
N GLN B 53 -19.38 -8.66 33.99
CA GLN B 53 -18.75 -9.34 35.13
C GLN B 53 -19.11 -10.84 35.27
N GLY B 54 -20.38 -11.16 35.10
CA GLY B 54 -20.79 -12.54 35.29
C GLY B 54 -20.36 -13.50 34.18
N LYS B 55 -20.62 -13.05 32.94
CA LYS B 55 -20.58 -13.84 31.70
C LYS B 55 -19.32 -14.65 31.36
N PRO B 56 -19.44 -15.60 30.40
CA PRO B 56 -18.36 -16.52 30.01
C PRO B 56 -17.11 -15.86 29.46
N PHE B 57 -17.27 -14.71 28.82
CA PHE B 57 -16.16 -14.06 28.09
C PHE B 57 -15.46 -12.91 28.87
N TYR B 58 -15.76 -12.76 30.17
CA TYR B 58 -15.27 -11.61 30.93
C TYR B 58 -13.79 -11.67 31.23
N ASN B 59 -13.28 -12.82 31.64
CA ASN B 59 -11.92 -12.82 32.14
C ASN B 59 -10.96 -12.59 31.00
N ASP B 60 -11.31 -13.20 29.89
CA ASP B 60 -10.54 -13.04 28.67
C ASP B 60 -10.80 -11.73 27.94
N LEU B 61 -12.02 -11.20 27.98
CA LEU B 61 -12.24 -9.82 27.53
C LEU B 61 -11.25 -8.86 28.23
N ILE B 62 -11.34 -8.78 29.55
CA ILE B 62 -10.53 -7.91 30.41
C ILE B 62 -9.01 -8.16 30.26
N SER B 63 -8.63 -9.42 30.06
CA SER B 63 -7.23 -9.82 29.84
C SER B 63 -6.68 -9.14 28.58
N PHE B 64 -7.45 -9.34 27.52
CA PHE B 64 -7.20 -8.78 26.22
C PHE B 64 -7.15 -7.26 26.21
N ILE B 65 -8.18 -6.60 26.71
CA ILE B 65 -8.23 -5.14 26.67
C ILE B 65 -7.13 -4.42 27.52
N THR B 66 -6.26 -5.18 28.18
CA THR B 66 -5.10 -4.62 28.88
C THR B 66 -3.75 -5.11 28.35
N SER B 67 -3.78 -5.98 27.34
CA SER B 67 -2.55 -6.57 26.78
C SER B 67 -1.72 -5.65 25.88
N ALA B 68 -2.27 -4.51 25.52
CA ALA B 68 -1.53 -3.50 24.74
C ALA B 68 -2.30 -2.20 24.85
N PRO B 69 -1.70 -1.10 24.37
CA PRO B 69 -2.42 0.18 24.44
C PRO B 69 -3.68 0.18 23.57
N VAL B 70 -4.50 1.21 23.75
CA VAL B 70 -5.70 1.44 22.94
C VAL B 70 -5.72 2.89 22.49
N PHE B 71 -6.55 3.19 21.51
CA PHE B 71 -6.78 4.57 21.19
C PHE B 71 -8.18 4.98 21.60
N ALA B 72 -8.25 5.75 22.69
CA ALA B 72 -9.52 6.14 23.25
C ALA B 72 -9.89 7.43 22.58
N MET B 73 -11.16 7.52 22.17
CA MET B 73 -11.63 8.63 21.34
C MET B 73 -12.97 9.15 21.83
N VAL B 74 -13.18 10.45 21.65
CA VAL B 74 -14.48 11.04 21.88
C VAL B 74 -14.84 11.73 20.60
N VAL B 75 -16.00 11.34 20.09
CA VAL B 75 -16.39 11.60 18.73
C VAL B 75 -17.69 12.37 18.73
N GLU B 76 -17.70 13.47 17.99
CA GLU B 76 -18.84 14.39 18.01
C GLU B 76 -19.50 14.52 16.65
N GLY B 77 -20.83 14.54 16.67
CA GLY B 77 -21.59 14.71 15.46
C GLY B 77 -23.04 14.42 15.72
N GLU B 78 -23.90 14.90 14.84
CA GLU B 78 -25.32 14.66 14.95
C GLU B 78 -25.62 13.17 14.83
N ASP B 79 -26.36 12.65 15.80
CA ASP B 79 -26.70 11.23 15.89
C ASP B 79 -25.44 10.34 16.05
N ALA B 80 -24.41 10.90 16.67
CA ALA B 80 -23.12 10.23 16.84
C ALA B 80 -23.17 8.78 17.35
N VAL B 81 -24.00 8.48 18.36
CA VAL B 81 -23.99 7.13 18.92
C VAL B 81 -24.40 6.08 17.87
N ASN B 82 -25.53 6.29 17.21
CA ASN B 82 -26.00 5.36 16.18
C ASN B 82 -25.13 5.32 14.90
N VAL B 83 -24.74 6.50 14.43
CA VAL B 83 -23.92 6.61 13.26
C VAL B 83 -22.66 5.80 13.50
N SER B 84 -22.01 6.04 14.62
CA SER B 84 -20.81 5.27 14.99
C SER B 84 -21.05 3.77 15.01
N ARG B 85 -22.12 3.33 15.66
CA ARG B 85 -22.49 1.92 15.67
C ARG B 85 -22.75 1.36 14.28
N HIS B 86 -23.35 2.18 13.43
CA HIS B 86 -23.60 1.84 12.04
C HIS B 86 -22.34 1.54 11.24
N ILE B 87 -21.32 2.41 11.29
CA ILE B 87 -20.07 2.18 10.55
C ILE B 87 -19.25 1.11 11.22
N ILE B 88 -19.48 0.90 12.51
CA ILE B 88 -18.73 -0.09 13.24
C ILE B 88 -19.15 -1.49 12.81
N GLY B 89 -20.46 -1.73 12.77
CA GLY B 89 -21.02 -3.04 12.37
C GLY B 89 -21.32 -3.95 13.54
N SER B 90 -22.18 -4.94 13.33
CA SER B 90 -22.49 -5.92 14.36
C SER B 90 -21.28 -6.37 15.16
N THR B 91 -21.54 -6.88 16.36
CA THR B 91 -20.53 -7.42 17.24
C THR B 91 -19.70 -8.51 16.56
N ASN B 92 -20.36 -9.52 16.01
CA ASN B 92 -19.68 -10.60 15.30
C ASN B 92 -19.29 -10.13 13.90
N PRO B 93 -17.98 -10.06 13.62
CA PRO B 93 -17.48 -9.62 12.33
C PRO B 93 -17.99 -10.45 11.15
N SER B 94 -18.47 -11.66 11.42
CA SER B 94 -19.02 -12.53 10.38
C SER B 94 -20.48 -12.25 10.03
N GLU B 95 -21.06 -11.27 10.73
CA GLU B 95 -22.41 -10.79 10.51
C GLU B 95 -22.43 -9.29 10.23
N ALA B 96 -21.38 -8.58 10.64
CA ALA B 96 -21.25 -7.16 10.37
C ALA B 96 -21.19 -6.94 8.87
N SER B 97 -21.85 -5.89 8.39
CA SER B 97 -21.94 -5.66 6.95
C SER B 97 -20.57 -5.46 6.37
N PRO B 98 -20.30 -6.04 5.18
CA PRO B 98 -19.09 -5.66 4.47
C PRO B 98 -19.12 -4.16 4.27
N GLY B 99 -17.99 -3.51 4.45
CA GLY B 99 -17.91 -2.06 4.36
C GLY B 99 -17.78 -1.41 5.71
N SER B 100 -18.37 -2.04 6.73
CA SER B 100 -18.23 -1.57 8.11
C SER B 100 -16.85 -1.93 8.63
N ILE B 101 -16.39 -1.24 9.66
CA ILE B 101 -15.09 -1.50 10.22
C ILE B 101 -14.93 -2.97 10.62
N ARG B 102 -15.80 -3.45 11.49
CA ARG B 102 -15.72 -4.85 11.88
C ARG B 102 -15.88 -5.78 10.68
N GLY B 103 -16.84 -5.49 9.80
CA GLY B 103 -17.07 -6.27 8.58
C GLY B 103 -15.83 -6.47 7.71
N ASP B 104 -15.01 -5.44 7.57
CA ASP B 104 -13.87 -5.50 6.68
C ASP B 104 -12.59 -5.95 7.38
N LEU B 105 -12.46 -5.63 8.66
CA LEU B 105 -11.18 -5.78 9.35
C LEU B 105 -11.11 -6.83 10.44
N GLY B 106 -12.22 -7.16 11.08
CA GLY B 106 -12.19 -8.13 12.17
C GLY B 106 -12.50 -9.56 11.77
N LEU B 107 -12.01 -10.53 12.54
CA LEU B 107 -12.26 -11.95 12.27
C LEU B 107 -13.20 -12.66 13.24
N THR B 108 -13.01 -12.41 14.53
CA THR B 108 -13.73 -13.12 15.56
C THR B 108 -14.38 -12.14 16.54
N VAL B 109 -15.51 -12.52 17.12
CA VAL B 109 -16.26 -11.66 18.03
C VAL B 109 -15.40 -11.10 19.18
N GLY B 110 -14.43 -11.90 19.65
CA GLY B 110 -13.59 -11.52 20.77
C GLY B 110 -12.52 -10.51 20.39
N ARG B 111 -12.11 -10.57 19.12
CA ARG B 111 -11.10 -9.68 18.55
C ARG B 111 -11.72 -8.84 17.45
N ASN B 112 -12.49 -7.83 17.81
CA ASN B 112 -13.25 -7.08 16.80
C ASN B 112 -12.96 -5.56 16.69
N ILE B 113 -11.69 -5.20 16.73
CA ILE B 113 -11.17 -3.92 16.26
C ILE B 113 -11.52 -2.70 17.12
N ILE B 114 -12.79 -2.46 17.32
CA ILE B 114 -13.19 -1.19 17.87
C ILE B 114 -14.40 -1.36 18.76
N HIS B 115 -14.44 -0.57 19.84
CA HIS B 115 -15.63 -0.46 20.67
C HIS B 115 -16.32 0.86 20.44
N GLY B 116 -17.65 0.83 20.49
CA GLY B 116 -18.46 2.04 20.45
C GLY B 116 -19.52 2.00 21.52
N SER B 117 -19.82 3.17 22.10
CA SER B 117 -20.88 3.31 23.08
C SER B 117 -22.18 2.82 22.46
N ASP B 118 -22.96 2.06 23.22
CA ASP B 118 -24.15 1.44 22.67
C ASP B 118 -25.46 2.21 22.90
N SER B 119 -25.36 3.32 23.62
CA SER B 119 -26.50 4.17 23.95
C SER B 119 -26.05 5.55 24.40
N LEU B 120 -26.98 6.51 24.31
CA LEU B 120 -26.75 7.86 24.85
C LEU B 120 -26.33 7.82 26.33
N GLU B 121 -26.94 6.90 27.08
CA GLU B 121 -26.64 6.73 28.50
C GLU B 121 -25.23 6.19 28.73
N SER B 122 -24.89 5.07 28.10
CA SER B 122 -23.53 4.53 28.22
C SER B 122 -22.47 5.42 27.54
N ALA B 123 -22.91 6.26 26.61
CA ALA B 123 -22.03 7.24 25.98
C ALA B 123 -21.53 8.24 27.00
N GLU B 124 -22.44 8.91 27.71
CA GLU B 124 -21.99 9.90 28.72
C GLU B 124 -21.25 9.26 29.89
N ARG B 125 -21.62 8.03 30.23
CA ARG B 125 -20.88 7.29 31.25
C ARG B 125 -19.46 7.06 30.78
N GLU B 126 -19.30 6.41 29.62
CA GLU B 126 -17.99 6.05 29.11
C GLU B 126 -17.10 7.27 28.85
N ILE B 127 -17.67 8.36 28.31
CA ILE B 127 -16.90 9.60 28.10
C ILE B 127 -16.31 10.14 29.41
N ASN B 128 -17.11 10.19 30.48
CA ASN B 128 -16.65 10.71 31.76
C ASN B 128 -15.68 9.77 32.47
N LEU B 129 -15.84 8.49 32.24
CA LEU B 129 -14.96 7.49 32.80
C LEU B 129 -13.55 7.56 32.21
N TRP B 130 -13.45 7.71 30.89
CA TRP B 130 -12.17 7.68 30.19
C TRP B 130 -11.50 9.04 30.00
N PHE B 131 -12.29 10.11 30.05
CA PHE B 131 -11.78 11.46 29.73
C PHE B 131 -12.19 12.48 30.78
N ASN B 132 -11.34 13.49 30.97
CA ASN B 132 -11.70 14.68 31.76
C ASN B 132 -11.95 15.87 30.85
N GLU B 133 -12.99 16.62 31.09
CA GLU B 133 -13.45 17.73 30.28
C GLU B 133 -12.28 18.50 29.67
N ASN B 134 -11.18 18.70 30.35
CA ASN B 134 -10.03 19.45 29.83
C ASN B 134 -9.20 18.76 28.73
N GLU B 135 -9.48 17.47 28.52
CA GLU B 135 -8.89 16.65 27.45
C GLU B 135 -9.73 16.72 26.18
N ILE B 136 -10.95 17.19 26.34
CA ILE B 136 -11.91 17.21 25.26
C ILE B 136 -12.02 18.63 24.71
N THR B 137 -11.50 18.82 23.50
CA THR B 137 -11.53 20.12 22.85
C THR B 137 -12.89 20.36 22.16
N SER B 138 -13.17 21.63 21.88
CA SER B 138 -14.32 22.05 21.11
C SER B 138 -13.85 22.98 20.01
N TYR B 139 -14.34 22.74 18.81
CA TYR B 139 -13.91 23.57 17.72
C TYR B 139 -14.81 23.41 16.53
N ALA B 140 -14.87 24.47 15.73
CA ALA B 140 -15.63 24.45 14.49
C ALA B 140 -14.71 23.97 13.36
N SER B 141 -15.28 23.20 12.43
CA SER B 141 -14.57 22.74 11.25
C SER B 141 -15.20 23.34 10.00
N PRO B 142 -14.39 23.63 8.99
CA PRO B 142 -14.87 24.16 7.73
C PRO B 142 -16.02 23.34 7.12
N ARG B 143 -16.01 22.02 7.27
CA ARG B 143 -17.01 21.18 6.63
C ARG B 143 -18.37 21.13 7.35
N ASP B 144 -18.44 21.63 8.58
CA ASP B 144 -19.66 21.56 9.37
C ASP B 144 -20.84 22.18 8.61
N ALA B 145 -20.60 23.29 7.93
CA ALA B 145 -21.63 23.96 7.14
C ALA B 145 -22.16 23.08 6.02
N TRP B 146 -21.47 21.96 5.78
CA TRP B 146 -21.73 21.08 4.63
C TRP B 146 -22.12 19.64 5.00
N LEU B 147 -22.18 19.35 6.29
CA LEU B 147 -22.64 18.06 6.78
C LEU B 147 -24.05 18.19 7.28
N TYR B 148 -24.36 19.34 7.85
CA TYR B 148 -25.68 19.61 8.43
C TYR B 148 -26.37 20.77 7.71
N GLU B 149 -27.70 20.65 7.59
CA GLU B 149 -28.57 21.61 6.88
C GLU B 149 -28.76 22.91 7.67
N MET C 1 14.97 2.43 22.07
CA MET C 1 14.91 2.73 20.61
C MET C 1 14.68 4.24 20.37
N GLU C 2 15.28 4.74 19.29
CA GLU C 2 15.14 6.12 18.88
C GLU C 2 13.67 6.57 18.77
N ARG C 3 13.42 7.77 19.28
CA ARG C 3 12.09 8.35 19.28
C ARG C 3 12.16 9.74 18.72
N THR C 4 11.04 10.20 18.22
CA THR C 4 10.94 11.55 17.71
C THR C 4 9.58 12.09 18.03
N PHE C 5 9.42 13.40 17.91
CA PHE C 5 8.15 14.06 18.11
C PHE C 5 7.55 14.40 16.75
N LEU C 6 6.27 14.06 16.57
CA LEU C 6 5.53 14.47 15.37
C LEU C 6 4.26 15.20 15.76
N MET C 7 3.78 16.07 14.90
CA MET C 7 2.58 16.82 15.20
C MET C 7 1.77 17.02 13.93
N ILE C 8 0.55 16.52 13.92
CA ILE C 8 -0.34 16.80 12.82
C ILE C 8 -0.90 18.21 13.08
N LYS C 9 -0.64 19.12 12.16
CA LYS C 9 -0.96 20.52 12.35
C LYS C 9 -2.46 20.81 12.17
N PRO C 10 -2.92 22.01 12.58
CA PRO C 10 -4.34 22.34 12.41
C PRO C 10 -4.89 22.24 10.98
N ASP C 11 -4.07 22.51 9.98
CA ASP C 11 -4.55 22.42 8.60
C ASP C 11 -5.00 20.99 8.26
N ALA C 12 -4.23 20.00 8.67
CA ALA C 12 -4.59 18.61 8.43
C ALA C 12 -5.86 18.22 9.18
N VAL C 13 -5.95 18.65 10.43
CA VAL C 13 -7.11 18.40 11.26
C VAL C 13 -8.36 18.99 10.62
N GLN C 14 -8.26 20.20 10.10
CA GLN C 14 -9.41 20.88 9.54
C GLN C 14 -9.76 20.41 8.14
N ARG C 15 -8.80 19.75 7.49
CA ARG C 15 -9.07 19.08 6.23
C ARG C 15 -9.40 17.60 6.41
N ASN C 16 -9.48 17.15 7.67
CA ASN C 16 -9.82 15.77 8.00
C ASN C 16 -8.85 14.74 7.48
N LEU C 17 -7.56 14.97 7.72
CA LEU C 17 -6.51 14.08 7.19
C LEU C 17 -5.80 13.28 8.27
N ILE C 18 -6.31 13.30 9.51
CA ILE C 18 -5.63 12.69 10.62
C ILE C 18 -5.39 11.25 10.28
N GLY C 19 -6.45 10.55 9.88
CA GLY C 19 -6.34 9.13 9.46
C GLY C 19 -5.30 8.90 8.38
N GLU C 20 -5.43 9.62 7.28
CA GLU C 20 -4.48 9.55 6.17
C GLU C 20 -3.02 9.69 6.66
N VAL C 21 -2.74 10.75 7.41
CA VAL C 21 -1.40 11.00 7.89
C VAL C 21 -0.90 9.89 8.80
N ILE C 22 -1.73 9.44 9.74
CA ILE C 22 -1.34 8.33 10.61
C ILE C 22 -1.04 7.04 9.85
N SER C 23 -1.89 6.70 8.89
CA SER C 23 -1.65 5.56 8.00
C SER C 23 -0.26 5.59 7.38
N ARG C 24 0.12 6.75 6.84
CA ARG C 24 1.42 6.92 6.20
C ARG C 24 2.60 6.68 7.14
N ILE C 25 2.44 7.06 8.41
CA ILE C 25 3.47 6.85 9.40
C ILE C 25 3.49 5.37 9.81
N GLU C 26 2.32 4.82 10.15
CA GLU C 26 2.22 3.44 10.61
C GLU C 26 2.86 2.47 9.61
N ARG C 27 2.47 2.60 8.34
CA ARG C 27 2.89 1.63 7.34
C ARG C 27 4.41 1.64 7.05
N LYS C 28 5.05 2.79 7.26
CA LYS C 28 6.51 2.90 7.16
C LYS C 28 7.25 2.05 8.17
N GLY C 29 6.57 1.65 9.26
CA GLY C 29 7.15 0.76 10.24
C GLY C 29 7.49 1.46 11.53
N LEU C 30 7.19 2.75 11.60
CA LEU C 30 7.35 3.49 12.86
C LEU C 30 6.26 3.11 13.83
N LYS C 31 6.56 3.20 15.12
CA LYS C 31 5.64 2.77 16.15
C LYS C 31 5.05 3.98 16.86
N LEU C 32 3.72 4.07 16.85
CA LEU C 32 3.03 5.10 17.63
C LEU C 32 3.12 4.73 19.10
N VAL C 33 3.76 5.58 19.87
CA VAL C 33 4.15 5.27 21.24
C VAL C 33 3.51 6.27 22.22
N GLY C 34 3.26 7.49 21.74
CA GLY C 34 2.43 8.46 22.45
C GLY C 34 1.63 9.24 21.44
N GLY C 35 0.39 9.58 21.78
CA GLY C 35 -0.45 10.36 20.87
C GLY C 35 -1.64 10.95 21.60
N LYS C 36 -1.96 12.21 21.31
CA LYS C 36 -3.12 12.88 21.93
C LYS C 36 -3.63 14.06 21.11
N LEU C 37 -4.94 14.10 20.91
CA LEU C 37 -5.57 15.26 20.31
C LEU C 37 -5.69 16.33 21.39
N MET C 38 -5.18 17.51 21.11
CA MET C 38 -5.13 18.58 22.12
C MET C 38 -5.14 19.97 21.52
N GLN C 39 -5.84 20.89 22.17
CA GLN C 39 -5.73 22.31 21.86
C GLN C 39 -4.39 22.82 22.42
N VAL C 40 -3.67 23.58 21.62
CA VAL C 40 -2.38 24.11 22.05
C VAL C 40 -2.49 25.43 22.83
N PRO C 41 -2.05 25.45 24.10
CA PRO C 41 -1.99 26.65 24.92
C PRO C 41 -0.98 27.65 24.39
N MET C 42 -1.32 28.92 24.51
CA MET C 42 -0.47 30.01 24.02
C MET C 42 1.02 29.90 24.47
N GLU C 43 1.25 29.65 25.76
CA GLU C 43 2.61 29.45 26.34
C GLU C 43 3.38 28.31 25.67
N LEU C 44 2.73 27.16 25.48
CA LEU C 44 3.30 26.01 24.76
C LEU C 44 3.82 26.35 23.35
N ALA C 45 2.96 27.04 22.56
CA ALA C 45 3.26 27.39 21.18
C ALA C 45 4.55 28.18 21.06
N GLU C 46 4.63 29.26 21.86
CA GLU C 46 5.80 30.16 21.86
C GLU C 46 7.11 29.46 22.19
N THR C 47 7.11 28.64 23.24
CA THR C 47 8.31 27.93 23.67
C THR C 47 8.71 26.82 22.68
N HIS C 48 7.72 26.11 22.11
CA HIS C 48 7.96 25.15 21.02
C HIS C 48 8.59 25.86 19.85
N TYR C 49 7.93 26.96 19.44
CA TYR C 49 8.47 27.88 18.42
C TYR C 49 9.29 29.00 19.05
N GLY C 50 10.26 28.60 19.85
CA GLY C 50 11.17 29.54 20.42
C GLY C 50 12.09 30.13 19.37
N GLU C 51 12.77 29.27 18.62
CA GLU C 51 13.87 29.76 17.80
C GLU C 51 13.42 30.60 16.61
N HIS C 52 12.15 30.97 16.58
CA HIS C 52 11.57 31.79 15.52
C HIS C 52 11.02 33.10 16.06
N GLN C 53 11.28 33.37 17.33
CA GLN C 53 10.83 34.61 17.97
C GLN C 53 11.20 35.90 17.18
N GLY C 54 12.15 35.80 16.25
CA GLY C 54 12.57 36.94 15.42
C GLY C 54 11.82 37.17 14.12
N LYS C 55 11.79 36.16 13.27
CA LYS C 55 11.27 36.39 11.91
C LYS C 55 9.82 36.92 11.90
N PRO C 56 9.50 37.87 11.00
CA PRO C 56 8.19 38.53 11.14
C PRO C 56 7.02 37.55 11.03
N PHE C 57 7.21 36.49 10.23
CA PHE C 57 6.21 35.42 10.03
C PHE C 57 5.77 34.70 11.30
N TYR C 58 6.66 34.68 12.28
CA TYR C 58 6.41 34.08 13.57
C TYR C 58 5.03 34.40 14.17
N ASN C 59 4.59 35.66 14.15
CA ASN C 59 3.24 35.95 14.67
C ASN C 59 2.11 35.20 13.95
N ASP C 60 2.29 34.89 12.66
CA ASP C 60 1.32 34.07 11.93
C ASP C 60 1.53 32.57 12.18
N LEU C 61 2.68 32.21 12.80
CA LEU C 61 2.89 30.83 13.30
C LEU C 61 2.33 30.54 14.68
N ILE C 62 2.02 31.54 15.49
CA ILE C 62 1.38 31.22 16.77
C ILE C 62 -0.16 31.26 16.65
N SER C 63 -0.66 32.13 15.79
CA SER C 63 -2.09 32.21 15.56
C SER C 63 -2.57 30.94 14.85
N PHE C 64 -1.79 30.51 13.85
CA PHE C 64 -2.14 29.30 13.10
C PHE C 64 -2.11 28.07 14.00
N ILE C 65 -0.98 27.88 14.66
CA ILE C 65 -0.72 26.68 15.45
C ILE C 65 -1.63 26.61 16.68
N THR C 66 -2.40 27.66 16.93
CA THR C 66 -3.37 27.64 18.02
C THR C 66 -4.83 27.78 17.56
N SER C 67 -5.04 27.91 16.25
CA SER C 67 -6.40 28.12 15.67
C SER C 67 -7.32 26.91 15.69
N ALA C 68 -6.76 25.73 15.97
CA ALA C 68 -7.52 24.50 16.08
C ALA C 68 -6.67 23.45 16.77
N PRO C 69 -7.25 22.29 17.14
CA PRO C 69 -6.45 21.27 17.81
C PRO C 69 -5.38 20.67 16.91
N VAL C 70 -4.49 19.91 17.49
CA VAL C 70 -3.45 19.22 16.77
C VAL C 70 -3.38 17.80 17.29
N PHE C 71 -2.73 16.94 16.52
CA PHE C 71 -2.44 15.62 17.02
C PHE C 71 -0.96 15.52 17.33
N ALA C 72 -0.66 15.53 18.61
CA ALA C 72 0.72 15.43 19.06
C ALA C 72 1.04 13.96 19.17
N MET C 73 2.19 13.57 18.63
CA MET C 73 2.60 12.19 18.56
C MET C 73 4.03 11.98 19.02
N VAL C 74 4.29 10.81 19.59
CA VAL C 74 5.66 10.37 19.87
C VAL C 74 5.85 9.04 19.21
N VAL C 75 6.81 8.98 18.31
CA VAL C 75 6.88 7.89 17.34
C VAL C 75 8.21 7.25 17.53
N GLU C 76 8.24 5.93 17.56
CA GLU C 76 9.44 5.19 17.94
C GLU C 76 9.88 4.25 16.84
N GLY C 77 11.18 4.22 16.60
CA GLY C 77 11.74 3.32 15.62
C GLY C 77 13.21 3.61 15.40
N GLU C 78 13.91 2.65 14.82
CA GLU C 78 15.30 2.82 14.49
C GLU C 78 15.45 3.92 13.44
N ASP C 79 16.28 4.92 13.77
CA ASP C 79 16.54 6.08 12.91
C ASP C 79 15.28 6.95 12.76
N ALA C 80 14.45 6.94 13.80
CA ALA C 80 13.15 7.63 13.80
C ALA C 80 13.18 9.08 13.34
N VAL C 81 14.21 9.84 13.73
CA VAL C 81 14.20 11.26 13.39
C VAL C 81 14.28 11.47 11.86
N ASN C 82 15.23 10.83 11.21
CA ASN C 82 15.45 11.01 9.76
C ASN C 82 14.41 10.34 8.90
N VAL C 83 14.07 9.11 9.28
CA VAL C 83 12.98 8.36 8.64
C VAL C 83 11.72 9.22 8.61
N SER C 84 11.32 9.76 9.78
CA SER C 84 10.19 10.66 9.86
C SER C 84 10.33 11.81 8.90
N ARG C 85 11.46 12.50 8.93
CA ARG C 85 11.68 13.66 8.06
C ARG C 85 11.64 13.25 6.58
N HIS C 86 12.07 12.04 6.30
CA HIS C 86 12.06 11.51 4.96
C HIS C 86 10.65 11.35 4.40
N ILE C 87 9.75 10.72 5.14
CA ILE C 87 8.37 10.55 4.67
C ILE C 87 7.57 11.84 4.75
N ILE C 88 8.02 12.77 5.59
CA ILE C 88 7.35 14.05 5.72
C ILE C 88 7.59 14.89 4.47
N GLY C 89 8.86 14.97 4.04
CA GLY C 89 9.27 15.77 2.88
C GLY C 89 9.66 17.22 3.16
N SER C 90 10.27 17.86 2.16
CA SER C 90 10.79 19.24 2.28
C SER C 90 9.76 20.24 2.77
N THR C 91 10.22 21.16 3.62
CA THR C 91 9.36 22.21 4.17
C THR C 91 8.36 22.72 3.16
N ASN C 92 8.85 23.15 2.01
CA ASN C 92 7.98 23.65 0.96
C ASN C 92 7.36 22.49 0.20
N PRO C 93 6.02 22.34 0.26
CA PRO C 93 5.33 21.22 -0.37
C PRO C 93 5.53 21.14 -1.88
N SER C 94 5.87 22.24 -2.53
CA SER C 94 6.16 22.19 -3.96
C SER C 94 7.49 21.54 -4.28
N GLU C 95 8.36 21.43 -3.29
CA GLU C 95 9.69 20.83 -3.45
C GLU C 95 9.76 19.45 -2.84
N ALA C 96 8.88 19.18 -1.86
CA ALA C 96 8.83 17.89 -1.22
C ALA C 96 8.51 16.83 -2.26
N SER C 97 9.17 15.70 -2.19
CA SER C 97 8.97 14.65 -3.18
C SER C 97 7.53 14.15 -3.23
N PRO C 98 7.01 13.88 -4.44
CA PRO C 98 5.72 13.23 -4.53
C PRO C 98 5.82 11.91 -3.81
N GLY C 99 4.79 11.52 -3.06
CA GLY C 99 4.86 10.31 -2.26
C GLY C 99 5.00 10.61 -0.78
N SER C 100 5.72 11.69 -0.46
CA SER C 100 5.87 12.18 0.93
C SER C 100 4.60 12.91 1.37
N ILE C 101 4.40 12.99 2.69
CA ILE C 101 3.18 13.60 3.22
C ILE C 101 2.98 14.99 2.68
N ARG C 102 3.96 15.86 2.86
CA ARG C 102 3.83 17.24 2.38
C ARG C 102 3.71 17.25 0.84
N GLY C 103 4.51 16.43 0.19
CA GLY C 103 4.47 16.30 -1.25
C GLY C 103 3.09 16.04 -1.83
N ASP C 104 2.33 15.15 -1.20
CA ASP C 104 1.01 14.75 -1.69
C ASP C 104 -0.15 15.59 -1.16
N LEU C 105 -0.02 16.09 0.07
CA LEU C 105 -1.13 16.70 0.77
C LEU C 105 -1.07 18.20 0.97
N GLY C 106 0.13 18.76 1.11
CA GLY C 106 0.27 20.19 1.41
C GLY C 106 0.39 21.10 0.19
N LEU C 107 -0.02 22.35 0.33
CA LEU C 107 0.07 23.32 -0.77
C LEU C 107 1.16 24.37 -0.60
N THR C 108 1.20 25.00 0.57
CA THR C 108 2.06 26.14 0.84
C THR C 108 2.92 25.88 2.08
N VAL C 109 4.11 26.48 2.09
CA VAL C 109 5.09 26.28 3.17
C VAL C 109 4.49 26.57 4.55
N GLY C 110 3.61 27.56 4.63
CA GLY C 110 2.98 27.93 5.91
C GLY C 110 1.93 26.93 6.38
N ARG C 111 1.27 26.29 5.42
CA ARG C 111 0.26 25.28 5.70
C ARG C 111 0.74 23.94 5.17
N ASN C 112 1.62 23.30 5.92
CA ASN C 112 2.23 22.05 5.47
C ASN C 112 2.04 20.77 6.32
N ILE C 113 0.83 20.60 6.83
CA ILE C 113 0.30 19.31 7.29
C ILE C 113 0.84 18.80 8.61
N ILE C 114 2.15 18.59 8.68
CA ILE C 114 2.76 17.92 9.80
C ILE C 114 4.09 18.55 10.18
N HIS C 115 4.38 18.58 11.47
CA HIS C 115 5.70 18.89 11.94
C HIS C 115 6.44 17.62 12.38
N GLY C 116 7.74 17.58 12.11
CA GLY C 116 8.65 16.56 12.64
C GLY C 116 9.89 17.17 13.28
N SER C 117 10.36 16.57 14.37
CA SER C 117 11.60 16.99 15.00
C SER C 117 12.68 16.99 13.95
N ASP C 118 13.53 18.01 13.96
CA ASP C 118 14.55 18.11 12.94
C ASP C 118 15.92 17.52 13.31
N SER C 119 16.04 17.03 14.54
CA SER C 119 17.30 16.49 15.04
C SER C 119 17.06 15.70 16.32
N LEU C 120 17.99 14.79 16.64
CA LEU C 120 17.99 14.09 17.94
C LEU C 120 17.88 15.02 19.17
N GLU C 121 18.50 16.21 19.14
CA GLU C 121 18.46 17.16 20.24
C GLU C 121 17.10 17.84 20.35
N SER C 122 16.56 18.29 19.23
CA SER C 122 15.24 18.91 19.27
C SER C 122 14.15 17.85 19.43
N ALA C 123 14.45 16.61 19.07
CA ALA C 123 13.54 15.48 19.35
C ALA C 123 13.35 15.31 20.83
N GLU C 124 14.47 15.14 21.54
CA GLU C 124 14.48 15.01 22.98
C GLU C 124 13.82 16.21 23.70
N ARG C 125 14.03 17.42 23.18
CA ARG C 125 13.44 18.60 23.76
C ARG C 125 11.93 18.59 23.57
N GLU C 126 11.51 18.43 22.31
CA GLU C 126 10.10 18.47 21.94
C GLU C 126 9.26 17.39 22.64
N ILE C 127 9.81 16.17 22.75
CA ILE C 127 9.12 15.10 23.48
C ILE C 127 8.82 15.48 24.93
N ASN C 128 9.80 16.06 25.61
CA ASN C 128 9.65 16.43 27.01
C ASN C 128 8.71 17.63 27.21
N LEU C 129 8.72 18.51 26.22
CA LEU C 129 7.89 19.71 26.27
C LEU C 129 6.41 19.38 26.13
N TRP C 130 6.10 18.45 25.22
CA TRP C 130 4.73 18.12 24.87
C TRP C 130 4.13 16.94 25.67
N PHE C 131 4.99 16.06 26.18
CA PHE C 131 4.54 14.83 26.82
C PHE C 131 5.21 14.61 28.15
N ASN C 132 4.49 13.96 29.05
CA ASN C 132 5.08 13.50 30.30
C ASN C 132 5.18 12.01 30.20
N GLU C 133 6.33 11.46 30.56
CA GLU C 133 6.60 10.08 30.23
C GLU C 133 5.51 9.07 30.68
N ASN C 134 4.59 9.44 31.61
CA ASN C 134 3.41 8.59 31.91
C ASN C 134 2.34 8.57 30.81
N GLU C 135 2.48 9.46 29.84
CA GLU C 135 1.66 9.50 28.63
C GLU C 135 2.26 8.67 27.51
N ILE C 136 3.53 8.34 27.64
CA ILE C 136 4.23 7.58 26.62
C ILE C 136 4.31 6.12 27.03
N THR C 137 3.57 5.27 26.33
CA THR C 137 3.62 3.83 26.55
C THR C 137 4.86 3.19 25.91
N SER C 138 5.17 1.98 26.35
CA SER C 138 6.21 1.12 25.79
C SER C 138 5.55 -0.22 25.55
N TYR C 139 5.82 -0.82 24.39
CA TYR C 139 5.20 -2.10 24.09
C TYR C 139 5.80 -2.75 22.85
N ALA C 140 5.78 -4.08 22.85
CA ALA C 140 6.32 -4.85 21.77
C ALA C 140 5.22 -5.11 20.77
N SER C 141 5.58 -5.07 19.50
CA SER C 141 4.63 -5.31 18.42
C SER C 141 5.05 -6.58 17.67
N PRO C 142 4.06 -7.32 17.16
CA PRO C 142 4.33 -8.51 16.42
C PRO C 142 5.30 -8.29 15.27
N ARG C 143 5.26 -7.11 14.64
CA ARG C 143 6.05 -6.89 13.43
C ARG C 143 7.49 -6.50 13.71
N ASP C 144 7.79 -6.17 14.97
CA ASP C 144 9.16 -5.77 15.33
C ASP C 144 10.24 -6.77 14.89
N ALA C 145 9.95 -8.05 15.05
CA ALA C 145 10.84 -9.11 14.57
C ALA C 145 11.10 -9.07 13.04
N TRP C 146 10.33 -8.25 12.32
CA TRP C 146 10.30 -8.26 10.85
C TRP C 146 10.63 -6.90 10.24
N LEU C 147 10.92 -5.92 11.08
CA LEU C 147 11.37 -4.60 10.62
C LEU C 147 12.87 -4.46 10.80
N TYR C 148 13.35 -5.05 11.90
CA TYR C 148 14.77 -5.03 12.24
C TYR C 148 15.36 -6.42 12.33
N GLU C 149 16.69 -6.46 12.19
CA GLU C 149 17.51 -7.67 12.30
C GLU C 149 18.17 -7.82 13.69
N MET D 1 -7.04 33.96 -8.48
CA MET D 1 -6.02 32.92 -8.20
C MET D 1 -5.53 32.21 -9.46
N GLU D 2 -4.26 31.81 -9.43
CA GLU D 2 -3.65 31.10 -10.55
C GLU D 2 -4.45 29.86 -10.97
N ARG D 3 -4.53 29.68 -12.28
CA ARG D 3 -5.27 28.58 -12.86
C ARG D 3 -4.40 27.88 -13.88
N THR D 4 -4.69 26.61 -14.11
CA THR D 4 -4.01 25.87 -15.14
C THR D 4 -4.99 24.94 -15.81
N PHE D 5 -4.59 24.43 -16.97
CA PHE D 5 -5.41 23.45 -17.69
C PHE D 5 -4.83 22.07 -17.49
N LEU D 6 -5.68 21.14 -17.07
CA LEU D 6 -5.30 19.72 -17.00
C LEU D 6 -6.21 18.87 -17.89
N MET D 7 -5.67 17.75 -18.37
CA MET D 7 -6.44 16.85 -19.21
C MET D 7 -6.11 15.40 -18.89
N ILE D 8 -7.12 14.65 -18.44
CA ILE D 8 -6.96 13.21 -18.30
C ILE D 8 -7.07 12.57 -19.68
N LYS D 9 -5.98 11.98 -20.14
CA LYS D 9 -5.89 11.47 -21.51
C LYS D 9 -6.67 10.16 -21.74
N PRO D 10 -6.89 9.78 -23.02
CA PRO D 10 -7.68 8.60 -23.29
C PRO D 10 -7.14 7.35 -22.66
N ASP D 11 -5.83 7.23 -22.48
CA ASP D 11 -5.32 6.03 -21.84
C ASP D 11 -5.90 5.87 -20.41
N ALA D 12 -5.89 6.94 -19.62
CA ALA D 12 -6.42 6.89 -18.27
C ALA D 12 -7.93 6.56 -18.26
N VAL D 13 -8.67 7.18 -19.16
CA VAL D 13 -10.10 6.92 -19.33
C VAL D 13 -10.41 5.46 -19.66
N GLN D 14 -9.58 4.86 -20.51
CA GLN D 14 -9.78 3.49 -20.95
C GLN D 14 -9.22 2.49 -19.95
N ARG D 15 -8.40 2.96 -19.03
CA ARG D 15 -7.95 2.11 -17.93
C ARG D 15 -8.78 2.36 -16.68
N ASN D 16 -9.82 3.18 -16.80
CA ASN D 16 -10.71 3.53 -15.68
C ASN D 16 -10.01 4.21 -14.49
N LEU D 17 -9.19 5.21 -14.74
CA LEU D 17 -8.44 5.88 -13.70
C LEU D 17 -8.87 7.32 -13.47
N ILE D 18 -10.00 7.74 -14.04
CA ILE D 18 -10.48 9.09 -13.86
C ILE D 18 -10.56 9.42 -12.37
N GLY D 19 -11.27 8.58 -11.60
CA GLY D 19 -11.36 8.74 -10.15
C GLY D 19 -10.02 8.85 -9.43
N GLU D 20 -9.16 7.87 -9.67
CA GLU D 20 -7.83 7.87 -9.09
C GLU D 20 -7.06 9.17 -9.36
N VAL D 21 -7.04 9.62 -10.61
CA VAL D 21 -6.33 10.87 -10.99
C VAL D 21 -6.95 12.11 -10.34
N ILE D 22 -8.27 12.23 -10.36
CA ILE D 22 -8.90 13.37 -9.75
C ILE D 22 -8.58 13.41 -8.24
N SER D 23 -8.63 12.26 -7.57
CA SER D 23 -8.29 12.15 -6.14
C SER D 23 -6.91 12.77 -5.83
N ARG D 24 -5.93 12.39 -6.64
CA ARG D 24 -4.56 12.87 -6.51
C ARG D 24 -4.45 14.39 -6.65
N ILE D 25 -5.27 14.97 -7.53
CA ILE D 25 -5.31 16.40 -7.71
C ILE D 25 -6.01 17.05 -6.53
N GLU D 26 -7.21 16.58 -6.19
CA GLU D 26 -8.02 17.15 -5.10
C GLU D 26 -7.26 17.26 -3.79
N ARG D 27 -6.61 16.18 -3.42
CA ARG D 27 -6.01 16.06 -2.08
C ARG D 27 -4.80 16.98 -1.87
N LYS D 28 -4.18 17.43 -2.97
CA LYS D 28 -3.05 18.37 -2.90
C LYS D 28 -3.50 19.75 -2.52
N GLY D 29 -4.77 20.02 -2.77
CA GLY D 29 -5.28 21.28 -2.35
C GLY D 29 -5.67 22.11 -3.52
N LEU D 30 -5.54 21.56 -4.73
CA LEU D 30 -5.95 22.28 -5.93
C LEU D 30 -7.45 22.21 -6.04
N LYS D 31 -8.05 23.25 -6.60
CA LYS D 31 -9.50 23.34 -6.70
C LYS D 31 -9.99 23.04 -8.13
N LEU D 32 -10.87 22.06 -8.26
CA LEU D 32 -11.50 21.80 -9.54
C LEU D 32 -12.55 22.86 -9.80
N VAL D 33 -12.32 23.61 -10.86
CA VAL D 33 -13.02 24.86 -11.13
C VAL D 33 -13.77 24.76 -12.46
N GLY D 34 -13.22 23.95 -13.37
CA GLY D 34 -13.92 23.53 -14.56
C GLY D 34 -13.58 22.10 -14.90
N GLY D 35 -14.53 21.34 -15.41
CA GLY D 35 -14.26 19.98 -15.82
C GLY D 35 -15.39 19.44 -16.65
N LYS D 36 -15.04 18.65 -17.67
CA LYS D 36 -16.02 18.07 -18.56
C LYS D 36 -15.46 16.89 -19.35
N LEU D 37 -16.20 15.77 -19.33
CA LEU D 37 -15.85 14.62 -20.14
C LEU D 37 -16.31 14.90 -21.57
N MET D 38 -15.40 14.81 -22.53
CA MET D 38 -15.72 15.21 -23.91
C MET D 38 -14.90 14.46 -24.95
N GLN D 39 -15.54 14.09 -26.07
CA GLN D 39 -14.81 13.63 -27.25
C GLN D 39 -14.07 14.81 -27.90
N VAL D 40 -12.81 14.62 -28.29
CA VAL D 40 -12.04 15.71 -28.88
C VAL D 40 -12.17 15.77 -30.41
N PRO D 41 -12.69 16.91 -30.90
CA PRO D 41 -12.79 17.18 -32.32
C PRO D 41 -11.43 17.30 -32.96
N MET D 42 -11.33 16.81 -34.18
CA MET D 42 -10.08 16.80 -34.94
C MET D 42 -9.46 18.19 -34.98
N GLU D 43 -10.32 19.19 -35.32
CA GLU D 43 -9.94 20.59 -35.29
C GLU D 43 -9.17 20.93 -34.02
N LEU D 44 -9.84 20.61 -32.90
CA LEU D 44 -9.40 20.98 -31.55
C LEU D 44 -8.13 20.26 -31.07
N ALA D 45 -7.82 19.10 -31.64
CA ALA D 45 -6.58 18.40 -31.31
C ALA D 45 -5.35 19.06 -31.90
N GLU D 46 -5.43 19.35 -33.20
CA GLU D 46 -4.30 19.92 -33.96
C GLU D 46 -3.85 21.27 -33.37
N THR D 47 -4.82 22.17 -33.16
CA THR D 47 -4.51 23.50 -32.61
C THR D 47 -3.91 23.44 -31.17
N HIS D 48 -4.44 22.56 -30.32
CA HIS D 48 -3.89 22.31 -28.98
C HIS D 48 -2.44 21.85 -29.11
N TYR D 49 -2.25 20.91 -30.04
CA TYR D 49 -0.97 20.30 -30.35
C TYR D 49 -0.31 21.00 -31.55
N GLY D 50 -0.47 22.32 -31.61
CA GLY D 50 0.15 23.12 -32.66
C GLY D 50 1.67 23.03 -32.66
N GLU D 51 2.29 23.45 -31.54
CA GLU D 51 3.73 23.44 -31.35
C GLU D 51 4.33 22.10 -31.76
N HIS D 52 3.48 21.20 -32.27
CA HIS D 52 3.87 19.81 -32.41
C HIS D 52 3.88 19.38 -33.88
N GLN D 53 3.37 20.14 -34.80
CA GLN D 53 3.14 19.66 -36.18
C GLN D 53 4.34 19.00 -36.90
N GLY D 54 5.57 19.48 -36.64
CA GLY D 54 6.77 18.92 -37.28
C GLY D 54 7.01 17.46 -36.91
N LYS D 55 6.82 17.11 -35.76
CA LYS D 55 6.56 15.87 -35.05
C LYS D 55 6.87 14.66 -35.92
N PRO D 56 7.91 13.88 -35.39
CA PRO D 56 8.13 12.44 -35.64
C PRO D 56 7.35 11.59 -34.62
N PHE D 57 6.39 12.19 -33.96
CA PHE D 57 5.47 11.58 -33.02
C PHE D 57 4.07 12.18 -33.14
N TYR D 58 3.98 13.26 -33.96
CA TYR D 58 2.76 14.09 -34.05
C TYR D 58 1.59 13.35 -34.65
N ASN D 59 1.85 12.66 -35.76
CA ASN D 59 0.86 11.83 -36.44
C ASN D 59 0.10 10.93 -35.43
N ASP D 60 0.87 10.26 -34.56
CA ASP D 60 0.36 9.33 -33.55
C ASP D 60 -0.17 9.99 -32.24
N LEU D 61 0.18 11.29 -31.96
CA LEU D 61 -0.79 12.10 -31.24
C LEU D 61 -2.07 12.28 -32.04
N ILE D 62 -2.73 13.38 -32.09
CA ILE D 62 -4.05 13.56 -32.77
C ILE D 62 -4.93 12.30 -32.86
N SER D 63 -4.44 11.26 -33.55
CA SER D 63 -5.04 9.94 -33.47
C SER D 63 -5.28 9.63 -32.01
N PHE D 64 -4.21 9.31 -31.26
CA PHE D 64 -4.35 8.87 -29.86
C PHE D 64 -5.30 9.76 -29.07
N ILE D 65 -5.00 11.06 -29.02
CA ILE D 65 -5.83 12.06 -28.30
C ILE D 65 -7.28 12.12 -28.78
N THR D 66 -7.58 11.52 -29.93
CA THR D 66 -8.97 11.50 -30.42
C THR D 66 -9.62 10.10 -30.41
N SER D 67 -8.85 9.08 -30.01
CA SER D 67 -9.34 7.69 -30.00
C SER D 67 -10.36 7.36 -28.92
N ALA D 68 -10.50 8.23 -27.93
CA ALA D 68 -11.53 8.09 -26.88
C ALA D 68 -11.74 9.43 -26.18
N PRO D 69 -12.78 9.54 -25.33
CA PRO D 69 -12.99 10.81 -24.66
C PRO D 69 -11.83 11.16 -23.70
N VAL D 70 -11.83 12.40 -23.23
CA VAL D 70 -10.88 12.87 -22.24
C VAL D 70 -11.63 13.60 -21.15
N PHE D 71 -10.96 13.83 -20.03
CA PHE D 71 -11.54 14.70 -19.04
C PHE D 71 -10.72 15.97 -19.03
N ALA D 72 -11.34 17.03 -19.53
CA ALA D 72 -10.71 18.33 -19.59
C ALA D 72 -11.01 19.05 -18.31
N MET D 73 -9.98 19.61 -17.70
CA MET D 73 -10.11 20.24 -16.40
C MET D 73 -9.50 21.63 -16.39
N VAL D 74 -10.03 22.48 -15.52
CA VAL D 74 -9.41 23.75 -15.17
C VAL D 74 -9.29 23.80 -13.67
N VAL D 75 -8.06 23.98 -13.24
CA VAL D 75 -7.67 23.67 -11.92
C VAL D 75 -7.09 24.96 -11.36
N GLU D 76 -7.54 25.34 -10.16
CA GLU D 76 -7.21 26.64 -9.55
C GLU D 76 -6.53 26.50 -8.20
N GLY D 77 -5.47 27.27 -8.02
CA GLY D 77 -4.76 27.25 -6.76
C GLY D 77 -3.50 28.07 -6.90
N GLU D 78 -2.92 28.43 -5.76
CA GLU D 78 -1.71 29.20 -5.72
C GLU D 78 -0.56 28.38 -6.28
N ASP D 79 0.12 28.96 -7.27
CA ASP D 79 1.20 28.30 -8.00
C ASP D 79 0.71 27.06 -8.77
N ALA D 80 -0.57 27.09 -9.17
CA ALA D 80 -1.22 25.98 -9.89
C ALA D 80 -0.42 25.33 -11.03
N VAL D 81 0.16 26.13 -11.93
CA VAL D 81 0.88 25.53 -13.06
C VAL D 81 2.01 24.59 -12.60
N ASN D 82 2.94 25.13 -11.80
CA ASN D 82 4.07 24.34 -11.31
C ASN D 82 3.64 23.21 -10.36
N VAL D 83 2.72 23.49 -9.43
CA VAL D 83 2.19 22.47 -8.51
C VAL D 83 1.63 21.29 -9.28
N SER D 84 0.76 21.57 -10.23
CA SER D 84 0.27 20.55 -11.15
C SER D 84 1.36 19.75 -11.83
N ARG D 85 2.32 20.44 -12.44
CA ARG D 85 3.43 19.72 -13.07
C ARG D 85 4.20 18.84 -12.11
N HIS D 86 4.33 19.31 -10.88
CA HIS D 86 5.02 18.60 -9.82
C HIS D 86 4.37 17.26 -9.49
N ILE D 87 3.07 17.24 -9.23
CA ILE D 87 2.35 15.99 -8.95
C ILE D 87 2.14 15.10 -10.19
N ILE D 88 2.21 15.71 -11.37
CA ILE D 88 2.05 14.96 -12.60
C ILE D 88 3.31 14.15 -12.88
N GLY D 89 4.49 14.77 -12.71
CA GLY D 89 5.77 14.08 -12.92
C GLY D 89 6.32 14.16 -14.34
N SER D 90 7.56 13.77 -14.51
CA SER D 90 8.31 13.80 -15.76
C SER D 90 7.50 13.22 -16.91
N THR D 91 7.77 13.79 -18.12
CA THR D 91 7.11 13.31 -19.34
C THR D 91 7.23 11.80 -19.44
N ASN D 92 8.45 11.29 -19.34
CA ASN D 92 8.68 9.85 -19.38
C ASN D 92 8.36 9.23 -18.02
N PRO D 93 7.29 8.41 -17.95
CA PRO D 93 6.88 7.80 -16.70
C PRO D 93 7.97 7.03 -15.99
N SER D 94 8.97 6.54 -16.70
CA SER D 94 10.01 5.79 -15.99
C SER D 94 11.09 6.68 -15.38
N GLU D 95 10.97 8.00 -15.58
CA GLU D 95 11.84 8.98 -14.93
C GLU D 95 11.02 9.80 -13.94
N ALA D 96 9.71 9.84 -14.12
CA ALA D 96 8.82 10.57 -13.21
C ALA D 96 8.94 9.96 -11.83
N SER D 97 8.96 10.80 -10.81
CA SER D 97 9.17 10.33 -9.44
C SER D 97 8.05 9.43 -8.99
N PRO D 98 8.41 8.31 -8.31
CA PRO D 98 7.38 7.47 -7.70
C PRO D 98 6.54 8.35 -6.80
N GLY D 99 5.22 8.18 -6.82
CA GLY D 99 4.35 9.06 -6.06
C GLY D 99 3.59 10.00 -6.96
N SER D 100 4.20 10.41 -8.06
CA SER D 100 3.57 11.33 -8.98
C SER D 100 2.62 10.50 -9.81
N ILE D 101 1.66 11.15 -10.48
CA ILE D 101 0.66 10.45 -11.26
C ILE D 101 1.32 9.58 -12.31
N ARG D 102 2.13 10.18 -13.19
CA ARG D 102 2.80 9.44 -14.25
C ARG D 102 3.71 8.39 -13.62
N GLY D 103 4.47 8.79 -12.60
CA GLY D 103 5.34 7.87 -11.87
C GLY D 103 4.68 6.56 -11.47
N ASP D 104 3.45 6.63 -10.96
CA ASP D 104 2.76 5.47 -10.40
C ASP D 104 1.86 4.77 -11.40
N LEU D 105 1.33 5.52 -12.35
CA LEU D 105 0.29 4.98 -13.23
C LEU D 105 0.69 4.72 -14.68
N GLY D 106 1.60 5.54 -15.23
CA GLY D 106 1.96 5.45 -16.64
C GLY D 106 3.12 4.52 -16.97
N LEU D 107 3.15 4.02 -18.19
CA LEU D 107 4.24 3.14 -18.61
C LEU D 107 5.21 3.75 -19.61
N THR D 108 4.69 4.39 -20.64
CA THR D 108 5.47 4.88 -21.77
C THR D 108 5.19 6.37 -22.04
N VAL D 109 6.20 7.08 -22.51
CA VAL D 109 6.07 8.52 -22.80
C VAL D 109 4.85 8.90 -23.67
N GLY D 110 4.49 8.05 -24.64
CA GLY D 110 3.35 8.31 -25.52
C GLY D 110 2.03 8.08 -24.83
N ARG D 111 2.01 7.13 -23.88
CA ARG D 111 0.81 6.84 -23.07
C ARG D 111 1.01 7.21 -21.59
N ASN D 112 0.90 8.50 -21.28
CA ASN D 112 1.26 8.97 -19.94
C ASN D 112 0.15 9.71 -19.12
N ILE D 113 -1.06 9.17 -19.19
CA ILE D 113 -2.15 9.47 -18.27
C ILE D 113 -2.76 10.86 -18.37
N ILE D 114 -1.95 11.89 -18.18
CA ILE D 114 -2.49 13.22 -17.99
C ILE D 114 -1.61 14.28 -18.65
N HIS D 115 -2.24 15.33 -19.16
CA HIS D 115 -1.52 16.51 -19.63
C HIS D 115 -1.75 17.67 -18.68
N GLY D 116 -0.70 18.45 -18.47
CA GLY D 116 -0.80 19.71 -17.76
C GLY D 116 -0.13 20.82 -18.53
N SER D 117 -0.72 22.02 -18.45
CA SER D 117 -0.11 23.22 -19.00
C SER D 117 1.33 23.34 -18.49
N ASP D 118 2.25 23.71 -19.39
CA ASP D 118 3.65 23.75 -19.05
C ASP D 118 4.21 25.14 -18.66
N SER D 119 3.39 26.18 -18.77
CA SER D 119 3.77 27.54 -18.35
C SER D 119 2.53 28.43 -18.21
N LEU D 120 2.64 29.53 -17.47
CA LEU D 120 1.54 30.48 -17.32
C LEU D 120 0.94 30.90 -18.67
N GLU D 121 1.81 30.98 -19.69
CA GLU D 121 1.46 31.40 -21.04
C GLU D 121 0.60 30.36 -21.75
N SER D 122 1.05 29.12 -21.76
CA SER D 122 0.27 28.06 -22.38
C SER D 122 -0.94 27.67 -21.53
N ALA D 123 -0.90 27.96 -20.23
CA ALA D 123 -2.06 27.80 -19.37
C ALA D 123 -3.21 28.67 -19.85
N GLU D 124 -2.99 29.99 -19.97
CA GLU D 124 -4.03 30.95 -20.41
C GLU D 124 -4.50 30.65 -21.85
N ARG D 125 -3.63 30.05 -22.65
CA ARG D 125 -3.99 29.69 -24.00
C ARG D 125 -4.90 28.48 -23.95
N GLU D 126 -4.42 27.42 -23.31
CA GLU D 126 -5.15 26.16 -23.25
C GLU D 126 -6.51 26.32 -22.58
N ILE D 127 -6.58 27.14 -21.53
CA ILE D 127 -7.86 27.35 -20.84
C ILE D 127 -8.89 27.93 -21.80
N ASN D 128 -8.50 28.98 -22.53
CA ASN D 128 -9.40 29.64 -23.48
C ASN D 128 -9.77 28.77 -24.68
N LEU D 129 -8.84 27.95 -25.11
CA LEU D 129 -9.07 27.04 -26.21
C LEU D 129 -10.11 25.99 -25.88
N TRP D 130 -10.04 25.42 -24.67
CA TRP D 130 -10.88 24.28 -24.30
C TRP D 130 -12.17 24.66 -23.56
N PHE D 131 -12.18 25.83 -22.94
CA PHE D 131 -13.30 26.22 -22.10
C PHE D 131 -13.79 27.62 -22.43
N ASN D 132 -15.07 27.88 -22.23
CA ASN D 132 -15.64 29.22 -22.27
C ASN D 132 -16.01 29.67 -20.84
N GLU D 133 -15.63 30.88 -20.43
CA GLU D 133 -15.78 31.29 -19.00
C GLU D 133 -17.15 31.01 -18.33
N ASN D 134 -18.19 30.71 -19.12
CA ASN D 134 -19.46 30.30 -18.54
C ASN D 134 -19.47 28.84 -18.09
N GLU D 135 -18.44 28.09 -18.51
CA GLU D 135 -18.21 26.71 -18.10
C GLU D 135 -17.33 26.64 -16.85
N ILE D 136 -16.66 27.74 -16.53
CA ILE D 136 -15.73 27.77 -15.44
C ILE D 136 -16.37 28.49 -14.27
N THR D 137 -16.71 27.73 -13.24
CA THR D 137 -17.29 28.27 -12.02
C THR D 137 -16.20 28.90 -11.15
N SER D 138 -16.59 29.81 -10.27
CA SER D 138 -15.72 30.15 -9.17
C SER D 138 -16.52 30.14 -7.91
N TYR D 139 -15.85 29.67 -6.85
CA TYR D 139 -16.51 29.42 -5.57
C TYR D 139 -15.48 29.29 -4.45
N ALA D 140 -15.89 29.65 -3.24
CA ALA D 140 -15.04 29.49 -2.06
C ALA D 140 -15.24 28.09 -1.49
N SER D 141 -14.17 27.50 -0.98
CA SER D 141 -14.23 26.20 -0.35
C SER D 141 -13.89 26.36 1.13
N PRO D 142 -14.50 25.56 2.00
CA PRO D 142 -14.19 25.57 3.42
C PRO D 142 -12.68 25.47 3.74
N ARG D 143 -11.93 24.72 2.94
CA ARG D 143 -10.52 24.45 3.23
C ARG D 143 -9.59 25.59 2.81
N ASP D 144 -10.06 26.51 1.98
CA ASP D 144 -9.23 27.62 1.53
C ASP D 144 -8.50 28.36 2.65
N ALA D 145 -9.20 28.63 3.74
CA ALA D 145 -8.63 29.25 4.95
C ALA D 145 -7.48 28.44 5.55
N TRP D 146 -7.30 27.20 5.08
CA TRP D 146 -6.36 26.24 5.68
C TRP D 146 -5.30 25.72 4.70
N LEU D 147 -5.35 26.19 3.46
CA LEU D 147 -4.30 25.89 2.48
C LEU D 147 -3.35 27.05 2.35
N TYR D 148 -3.87 28.27 2.54
CA TYR D 148 -3.11 29.50 2.39
C TYR D 148 -3.31 30.31 3.66
N GLU D 149 -2.46 31.30 3.96
CA GLU D 149 -2.92 32.36 4.90
C GLU D 149 -4.11 33.14 4.27
N MET E 1 -5.78 -25.45 11.28
CA MET E 1 -6.82 -24.39 11.24
C MET E 1 -7.63 -24.48 9.96
N GLU E 2 -8.91 -24.09 10.02
CA GLU E 2 -9.79 -24.17 8.87
C GLU E 2 -9.18 -23.49 7.63
N ARG E 3 -9.40 -24.11 6.47
CA ARG E 3 -8.90 -23.63 5.20
C ARG E 3 -10.00 -23.67 4.16
N THR E 4 -9.86 -22.86 3.14
CA THR E 4 -10.82 -22.81 2.09
C THR E 4 -10.07 -22.52 0.81
N PHE E 5 -10.73 -22.78 -0.31
CA PHE E 5 -10.19 -22.49 -1.60
C PHE E 5 -10.83 -21.21 -2.11
N LEU E 6 -9.99 -20.32 -2.62
CA LEU E 6 -10.47 -19.09 -3.28
C LEU E 6 -9.84 -18.98 -4.68
N MET E 7 -10.56 -18.37 -5.60
CA MET E 7 -10.06 -18.18 -6.95
C MET E 7 -10.40 -16.82 -7.52
N ILE E 8 -9.37 -16.05 -7.84
CA ILE E 8 -9.60 -14.78 -8.54
C ILE E 8 -9.85 -15.08 -10.02
N LYS E 9 -11.06 -14.77 -10.49
CA LYS E 9 -11.50 -15.18 -11.80
C LYS E 9 -10.89 -14.37 -12.92
N PRO E 10 -10.99 -14.85 -14.16
CA PRO E 10 -10.37 -14.11 -15.26
C PRO E 10 -10.83 -12.66 -15.41
N ASP E 11 -12.08 -12.34 -15.08
CA ASP E 11 -12.54 -10.95 -15.17
C ASP E 11 -11.65 -10.03 -14.30
N ALA E 12 -11.44 -10.42 -13.04
CA ALA E 12 -10.61 -9.63 -12.15
C ALA E 12 -9.19 -9.47 -12.65
N VAL E 13 -8.65 -10.57 -13.20
CA VAL E 13 -7.30 -10.57 -13.79
C VAL E 13 -7.20 -9.63 -14.97
N GLN E 14 -8.22 -9.63 -15.79
CA GLN E 14 -8.22 -8.78 -16.97
C GLN E 14 -8.57 -7.32 -16.69
N ARG E 15 -9.19 -7.07 -15.53
CA ARG E 15 -9.44 -5.71 -15.07
C ARG E 15 -8.33 -5.24 -14.13
N ASN E 16 -7.32 -6.08 -13.92
CA ASN E 16 -6.17 -5.72 -13.09
C ASN E 16 -6.51 -5.54 -11.60
N LEU E 17 -7.29 -6.45 -11.04
CA LEU E 17 -7.78 -6.28 -9.69
C LEU E 17 -7.16 -7.25 -8.69
N ILE E 18 -6.10 -7.95 -9.11
CA ILE E 18 -5.51 -8.99 -8.28
C ILE E 18 -5.04 -8.38 -6.96
N GLY E 19 -4.30 -7.28 -7.03
CA GLY E 19 -3.88 -6.58 -5.82
C GLY E 19 -5.03 -6.20 -4.92
N GLU E 20 -6.02 -5.50 -5.47
CA GLU E 20 -7.20 -5.06 -4.75
C GLU E 20 -7.87 -6.23 -4.01
N VAL E 21 -8.14 -7.31 -4.72
CA VAL E 21 -8.83 -8.47 -4.15
C VAL E 21 -8.03 -9.07 -3.02
N ILE E 22 -6.74 -9.26 -3.25
CA ILE E 22 -5.88 -9.84 -2.23
C ILE E 22 -5.83 -8.98 -0.96
N SER E 23 -5.70 -7.67 -1.13
CA SER E 23 -5.77 -6.73 -0.01
C SER E 23 -6.99 -6.95 0.88
N ARG E 24 -8.16 -7.09 0.24
CA ARG E 24 -9.44 -7.27 0.93
C ARG E 24 -9.48 -8.57 1.72
N ILE E 25 -8.80 -9.60 1.22
CA ILE E 25 -8.71 -10.88 1.92
C ILE E 25 -7.73 -10.75 3.08
N GLU E 26 -6.52 -10.29 2.79
CA GLU E 26 -5.49 -10.11 3.79
C GLU E 26 -5.98 -9.35 5.04
N ARG E 27 -6.58 -8.19 4.82
CA ARG E 27 -6.86 -7.27 5.92
C ARG E 27 -7.98 -7.78 6.83
N LYS E 28 -8.81 -8.68 6.30
CA LYS E 28 -9.86 -9.33 7.06
C LYS E 28 -9.26 -10.27 8.10
N GLY E 29 -7.99 -10.63 7.93
CA GLY E 29 -7.30 -11.49 8.90
C GLY E 29 -7.09 -12.93 8.46
N LEU E 30 -7.53 -13.24 7.25
CA LEU E 30 -7.28 -14.52 6.64
C LEU E 30 -5.83 -14.63 6.19
N LYS E 31 -5.29 -15.85 6.26
CA LYS E 31 -3.88 -16.06 5.94
C LYS E 31 -3.73 -16.69 4.57
N LEU E 32 -2.95 -16.05 3.71
CA LEU E 32 -2.62 -16.66 2.42
C LEU E 32 -1.60 -17.79 2.65
N VAL E 33 -2.03 -18.99 2.36
CA VAL E 33 -1.28 -20.19 2.70
C VAL E 33 -0.79 -20.95 1.43
N GLY E 34 -1.57 -20.82 0.35
CA GLY E 34 -1.17 -21.20 -0.99
C GLY E 34 -1.72 -20.25 -2.03
N GLY E 35 -0.97 -20.02 -3.09
CA GLY E 35 -1.43 -19.17 -4.16
C GLY E 35 -0.54 -19.28 -5.37
N LYS E 36 -1.17 -19.27 -6.54
CA LYS E 36 -0.44 -19.38 -7.81
C LYS E 36 -1.24 -18.85 -8.98
N LEU E 37 -0.60 -18.01 -9.79
CA LEU E 37 -1.18 -17.57 -11.05
C LEU E 37 -1.05 -18.69 -12.07
N MET E 38 -2.17 -19.11 -12.67
CA MET E 38 -2.13 -20.29 -13.55
C MET E 38 -3.22 -20.26 -14.62
N GLN E 39 -2.87 -20.70 -15.83
CA GLN E 39 -3.87 -20.94 -16.89
C GLN E 39 -4.64 -22.20 -16.56
N VAL E 40 -5.89 -22.24 -16.94
CA VAL E 40 -6.77 -23.28 -16.45
C VAL E 40 -7.06 -24.37 -17.51
N PRO E 41 -6.49 -25.59 -17.28
CA PRO E 41 -6.66 -26.69 -18.24
C PRO E 41 -8.12 -27.08 -18.37
N MET E 42 -8.52 -27.42 -19.59
CA MET E 42 -9.91 -27.76 -19.91
C MET E 42 -10.52 -28.84 -19.00
N GLU E 43 -9.87 -30.00 -18.84
CA GLU E 43 -10.35 -31.00 -17.87
C GLU E 43 -10.67 -30.30 -16.54
N LEU E 44 -9.65 -29.61 -15.98
CA LEU E 44 -9.68 -29.00 -14.61
C LEU E 44 -10.87 -28.07 -14.39
N ALA E 45 -11.26 -27.38 -15.45
CA ALA E 45 -12.43 -26.55 -15.39
C ALA E 45 -13.70 -27.39 -15.21
N GLU E 46 -13.84 -28.43 -16.04
CA GLU E 46 -15.04 -29.29 -16.05
C GLU E 46 -15.27 -29.98 -14.70
N THR E 47 -14.21 -30.60 -14.17
CA THR E 47 -14.30 -31.34 -12.92
C THR E 47 -14.57 -30.40 -11.71
N HIS E 48 -13.95 -29.21 -11.71
CA HIS E 48 -14.20 -28.18 -10.68
C HIS E 48 -15.66 -27.77 -10.60
N TYR E 49 -16.24 -27.37 -11.73
CA TYR E 49 -17.63 -26.97 -11.73
C TYR E 49 -18.58 -28.15 -12.06
N GLY E 50 -18.07 -29.38 -11.93
CA GLY E 50 -18.85 -30.61 -12.18
C GLY E 50 -20.33 -30.47 -11.86
N GLU E 51 -20.62 -30.03 -10.62
CA GLU E 51 -21.99 -29.90 -10.06
C GLU E 51 -23.03 -29.16 -10.93
N HIS E 52 -22.55 -28.31 -11.84
CA HIS E 52 -23.39 -27.45 -12.69
C HIS E 52 -23.50 -27.97 -14.12
N GLN E 53 -23.07 -29.21 -14.37
CA GLN E 53 -22.87 -29.76 -15.75
C GLN E 53 -24.11 -29.84 -16.68
N GLY E 54 -25.30 -29.74 -16.11
CA GLY E 54 -26.56 -29.68 -16.86
C GLY E 54 -27.02 -28.28 -17.28
N LYS E 55 -26.87 -27.33 -16.36
CA LYS E 55 -27.58 -26.03 -16.33
C LYS E 55 -27.36 -25.06 -17.51
N PRO E 56 -28.35 -24.14 -17.78
CA PRO E 56 -28.34 -23.35 -19.03
C PRO E 56 -27.27 -22.23 -19.13
N PHE E 57 -26.19 -22.37 -18.36
CA PHE E 57 -25.07 -21.41 -18.38
C PHE E 57 -23.68 -22.06 -18.20
N TYR E 58 -23.62 -23.40 -18.28
CA TYR E 58 -22.39 -24.16 -18.08
C TYR E 58 -21.41 -24.01 -19.24
N ASN E 59 -21.91 -24.02 -20.47
CA ASN E 59 -21.02 -23.88 -21.63
C ASN E 59 -20.18 -22.62 -21.48
N ASP E 60 -20.88 -21.53 -21.13
CA ASP E 60 -20.27 -20.21 -21.04
C ASP E 60 -19.49 -19.98 -19.75
N LEU E 61 -19.85 -20.70 -18.67
CA LEU E 61 -19.11 -20.64 -17.41
C LEU E 61 -17.75 -21.32 -17.54
N ILE E 62 -17.68 -22.26 -18.47
CA ILE E 62 -16.46 -23.03 -18.68
C ILE E 62 -15.51 -22.30 -19.62
N SER E 63 -16.06 -21.81 -20.73
CA SER E 63 -15.28 -21.05 -21.70
C SER E 63 -14.62 -19.92 -20.94
N PHE E 64 -15.47 -19.10 -20.28
CA PHE E 64 -15.02 -17.94 -19.52
C PHE E 64 -13.85 -18.26 -18.59
N ILE E 65 -14.03 -19.25 -17.74
CA ILE E 65 -13.01 -19.56 -16.75
C ILE E 65 -11.78 -20.29 -17.33
N THR E 66 -11.64 -20.28 -18.65
CA THR E 66 -10.41 -20.74 -19.32
C THR E 66 -9.87 -19.69 -20.27
N SER E 67 -10.59 -18.58 -20.43
CA SER E 67 -10.22 -17.49 -21.36
C SER E 67 -9.02 -16.62 -20.95
N ALA E 68 -8.55 -16.76 -19.71
CA ALA E 68 -7.34 -16.08 -19.24
C ALA E 68 -6.92 -16.76 -17.97
N PRO E 69 -5.75 -16.38 -17.42
CA PRO E 69 -5.30 -17.01 -16.18
C PRO E 69 -6.21 -16.66 -14.99
N VAL E 70 -5.99 -17.35 -13.88
CA VAL E 70 -6.69 -17.07 -12.63
C VAL E 70 -5.67 -17.05 -11.51
N PHE E 71 -6.06 -16.50 -10.37
CA PHE E 71 -5.23 -16.66 -9.19
C PHE E 71 -5.91 -17.63 -8.25
N ALA E 72 -5.32 -18.81 -8.11
CA ALA E 72 -5.88 -19.84 -7.26
C ALA E 72 -5.23 -19.70 -5.93
N MET E 73 -6.06 -19.70 -4.88
CA MET E 73 -5.59 -19.43 -3.55
C MET E 73 -6.07 -20.48 -2.57
N VAL E 74 -5.28 -20.67 -1.51
CA VAL E 74 -5.70 -21.41 -0.34
C VAL E 74 -5.50 -20.48 0.84
N VAL E 75 -6.60 -20.17 1.53
CA VAL E 75 -6.65 -19.13 2.58
C VAL E 75 -7.09 -19.77 3.88
N GLU E 76 -6.26 -19.60 4.90
CA GLU E 76 -6.39 -20.26 6.19
C GLU E 76 -6.83 -19.29 7.27
N GLY E 77 -7.74 -19.74 8.12
CA GLY E 77 -8.17 -18.95 9.27
C GLY E 77 -9.38 -19.57 9.93
N GLU E 78 -9.62 -19.17 11.18
CA GLU E 78 -10.76 -19.66 11.91
C GLU E 78 -12.06 -19.27 11.21
N ASP E 79 -12.88 -20.28 10.93
CA ASP E 79 -14.16 -20.11 10.22
C ASP E 79 -13.95 -19.63 8.78
N ALA E 80 -12.78 -19.98 8.22
CA ALA E 80 -12.39 -19.56 6.86
C ALA E 80 -13.45 -19.65 5.77
N VAL E 81 -14.18 -20.76 5.67
CA VAL E 81 -15.14 -20.93 4.58
C VAL E 81 -16.24 -19.86 4.58
N ASN E 82 -16.87 -19.66 5.72
CA ASN E 82 -17.90 -18.64 5.77
C ASN E 82 -17.42 -17.19 5.78
N VAL E 83 -16.40 -16.91 6.58
CA VAL E 83 -15.74 -15.63 6.56
C VAL E 83 -15.47 -15.21 5.11
N SER E 84 -14.84 -16.11 4.35
CA SER E 84 -14.55 -15.87 2.95
C SER E 84 -15.79 -15.55 2.17
N ARG E 85 -16.85 -16.33 2.38
CA ARG E 85 -18.10 -16.12 1.67
C ARG E 85 -18.73 -14.81 2.04
N HIS E 86 -18.55 -14.43 3.30
CA HIS E 86 -19.05 -13.18 3.86
C HIS E 86 -18.43 -11.95 3.17
N ILE E 87 -17.11 -11.90 3.04
CA ILE E 87 -16.46 -10.76 2.38
C ILE E 87 -16.64 -10.81 0.87
N ILE E 88 -16.90 -11.99 0.34
CA ILE E 88 -17.08 -12.14 -1.10
C ILE E 88 -18.43 -11.56 -1.51
N GLY E 89 -19.48 -11.84 -0.75
CA GLY E 89 -20.81 -11.35 -1.10
C GLY E 89 -21.62 -12.28 -2.00
N SER E 90 -22.93 -12.05 -2.02
CA SER E 90 -23.83 -12.94 -2.72
C SER E 90 -23.53 -13.04 -4.20
N THR E 91 -23.83 -14.19 -4.79
CA THR E 91 -23.51 -14.49 -6.18
C THR E 91 -23.78 -13.33 -7.15
N ASN E 92 -25.00 -12.80 -7.14
CA ASN E 92 -25.35 -11.67 -7.97
C ASN E 92 -24.82 -10.37 -7.35
N PRO E 93 -23.88 -9.70 -8.04
CA PRO E 93 -23.27 -8.50 -7.51
C PRO E 93 -24.24 -7.36 -7.15
N SER E 94 -25.42 -7.27 -7.77
CA SER E 94 -26.39 -6.22 -7.34
C SER E 94 -27.28 -6.62 -6.14
N GLU E 95 -26.95 -7.75 -5.53
CA GLU E 95 -27.55 -8.17 -4.27
C GLU E 95 -26.47 -8.29 -3.22
N ALA E 96 -25.21 -8.46 -3.64
CA ALA E 96 -24.10 -8.51 -2.70
C ALA E 96 -24.00 -7.18 -1.99
N SER E 97 -23.71 -7.25 -0.69
CA SER E 97 -23.63 -6.05 0.12
C SER E 97 -22.54 -5.12 -0.37
N PRO E 98 -22.83 -3.81 -0.43
CA PRO E 98 -21.76 -2.85 -0.67
C PRO E 98 -20.72 -3.06 0.40
N GLY E 99 -19.45 -3.07 0.01
CA GLY E 99 -18.38 -3.37 0.91
C GLY E 99 -17.75 -4.71 0.63
N SER E 100 -18.56 -5.64 0.19
CA SER E 100 -18.06 -6.97 -0.17
C SER E 100 -17.40 -6.91 -1.53
N ILE E 101 -16.52 -7.87 -1.82
CA ILE E 101 -15.77 -7.86 -3.06
C ILE E 101 -16.70 -7.75 -4.27
N ARG E 102 -17.64 -8.68 -4.39
CA ARG E 102 -18.58 -8.67 -5.51
C ARG E 102 -19.42 -7.41 -5.48
N GLY E 103 -19.88 -7.02 -4.30
CA GLY E 103 -20.68 -5.81 -4.15
C GLY E 103 -20.01 -4.59 -4.73
N ASP E 104 -18.71 -4.43 -4.48
CA ASP E 104 -18.00 -3.23 -4.90
C ASP E 104 -17.41 -3.30 -6.31
N LEU E 105 -17.01 -4.49 -6.73
CA LEU E 105 -16.24 -4.65 -7.96
C LEU E 105 -16.97 -5.30 -9.12
N GLY E 106 -17.89 -6.23 -8.85
CA GLY E 106 -18.56 -6.99 -9.94
C GLY E 106 -19.83 -6.36 -10.49
N LEU E 107 -20.18 -6.68 -11.73
CA LEU E 107 -21.39 -6.13 -12.37
C LEU E 107 -22.51 -7.11 -12.59
N THR E 108 -22.16 -8.30 -13.08
CA THR E 108 -23.14 -9.32 -13.48
C THR E 108 -22.82 -10.66 -12.83
N VAL E 109 -23.84 -11.45 -12.59
CA VAL E 109 -23.67 -12.76 -11.97
C VAL E 109 -22.64 -13.67 -12.68
N GLY E 110 -22.58 -13.60 -14.01
CA GLY E 110 -21.63 -14.40 -14.79
C GLY E 110 -20.19 -13.96 -14.69
N ARG E 111 -19.99 -12.65 -14.46
CA ARG E 111 -18.69 -12.01 -14.30
C ARG E 111 -18.54 -11.40 -12.90
N ASN E 112 -18.27 -12.22 -11.89
CA ASN E 112 -18.32 -11.76 -10.50
C ASN E 112 -17.04 -11.99 -9.69
N ILE E 113 -15.91 -11.73 -10.34
CA ILE E 113 -14.64 -11.44 -9.67
C ILE E 113 -13.92 -12.61 -9.02
N ILE E 114 -14.59 -13.27 -8.10
CA ILE E 114 -13.94 -14.26 -7.28
C ILE E 114 -14.86 -15.44 -6.98
N HIS E 115 -14.26 -16.63 -6.89
CA HIS E 115 -14.96 -17.80 -6.38
C HIS E 115 -14.45 -18.14 -5.00
N GLY E 116 -15.34 -18.60 -4.16
CA GLY E 116 -15.00 -19.21 -2.88
C GLY E 116 -15.74 -20.51 -2.62
N SER E 117 -15.04 -21.44 -1.99
CA SER E 117 -15.65 -22.71 -1.58
C SER E 117 -16.92 -22.44 -0.79
N ASP E 118 -17.98 -23.20 -1.06
CA ASP E 118 -19.29 -22.91 -0.46
C ASP E 118 -19.61 -23.72 0.77
N SER E 119 -18.69 -24.62 1.15
CA SER E 119 -18.83 -25.46 2.36
C SER E 119 -17.52 -26.17 2.72
N LEU E 120 -17.48 -26.70 3.94
CA LEU E 120 -16.30 -27.41 4.41
C LEU E 120 -15.91 -28.62 3.54
N GLU E 121 -16.89 -29.38 3.05
CA GLU E 121 -16.55 -30.48 2.17
C GLU E 121 -16.08 -29.98 0.79
N SER E 122 -16.87 -29.18 0.07
CA SER E 122 -16.36 -28.62 -1.22
C SER E 122 -15.05 -27.83 -1.06
N ALA E 123 -14.78 -27.31 0.14
CA ALA E 123 -13.49 -26.71 0.42
C ALA E 123 -12.36 -27.74 0.28
N GLU E 124 -12.43 -28.83 1.02
CA GLU E 124 -11.35 -29.79 0.98
C GLU E 124 -11.30 -30.49 -0.36
N ARG E 125 -12.44 -30.59 -1.05
CA ARG E 125 -12.44 -31.09 -2.42
C ARG E 125 -11.61 -30.16 -3.28
N GLU E 126 -12.06 -28.91 -3.36
CA GLU E 126 -11.43 -27.92 -4.23
C GLU E 126 -9.94 -27.73 -3.94
N ILE E 127 -9.57 -27.69 -2.65
CA ILE E 127 -8.15 -27.56 -2.26
C ILE E 127 -7.31 -28.69 -2.86
N ASN E 128 -7.78 -29.94 -2.76
CA ASN E 128 -7.04 -31.09 -3.27
C ASN E 128 -7.00 -31.14 -4.79
N LEU E 129 -8.06 -30.67 -5.42
CA LEU E 129 -8.17 -30.65 -6.87
C LEU E 129 -7.18 -29.67 -7.49
N TRP E 130 -7.05 -28.48 -6.90
CA TRP E 130 -6.23 -27.39 -7.44
C TRP E 130 -4.78 -27.38 -6.96
N PHE E 131 -4.54 -27.95 -5.78
CA PHE E 131 -3.24 -27.85 -5.12
C PHE E 131 -2.71 -29.20 -4.62
N ASN E 132 -1.39 -29.34 -4.62
CA ASN E 132 -0.76 -30.48 -3.97
C ASN E 132 -0.08 -30.03 -2.69
N GLU E 133 -0.15 -30.81 -1.65
CA GLU E 133 0.28 -30.52 -0.28
C GLU E 133 1.62 -29.79 -0.28
N ASN E 134 2.51 -30.03 -1.17
CA ASN E 134 3.84 -29.39 -1.21
C ASN E 134 3.81 -27.96 -1.72
N GLU E 135 2.67 -27.56 -2.30
CA GLU E 135 2.42 -26.18 -2.77
C GLU E 135 1.84 -25.29 -1.66
N ILE E 136 1.32 -25.95 -0.61
CA ILE E 136 0.66 -25.26 0.46
C ILE E 136 1.62 -25.18 1.62
N THR E 137 2.08 -23.97 1.89
CA THR E 137 2.97 -23.72 3.03
C THR E 137 2.18 -23.68 4.35
N SER E 138 2.92 -23.77 5.45
CA SER E 138 2.37 -23.64 6.79
C SER E 138 3.32 -22.74 7.57
N TYR E 139 2.78 -21.71 8.23
CA TYR E 139 3.62 -20.76 8.94
C TYR E 139 2.86 -19.92 9.94
N ALA E 140 3.57 -19.48 10.96
CA ALA E 140 3.01 -18.59 11.97
C ALA E 140 3.24 -17.14 11.54
N SER E 141 2.25 -16.30 11.82
CA SER E 141 2.32 -14.87 11.51
C SER E 141 2.27 -14.09 12.81
N PRO E 142 2.98 -12.95 12.87
CA PRO E 142 3.00 -12.10 14.06
C PRO E 142 1.60 -11.69 14.57
N ARG E 143 0.63 -11.59 13.67
CA ARG E 143 -0.69 -11.10 14.04
C ARG E 143 -1.60 -12.20 14.59
N ASP E 144 -1.24 -13.46 14.41
CA ASP E 144 -2.07 -14.56 14.88
C ASP E 144 -2.46 -14.43 16.36
N ALA E 145 -1.51 -14.04 17.21
CA ALA E 145 -1.75 -13.79 18.65
C ALA E 145 -2.83 -12.73 18.90
N TRP E 146 -3.19 -11.97 17.86
CA TRP E 146 -4.07 -10.81 17.97
C TRP E 146 -5.35 -10.92 17.13
N LEU E 147 -5.51 -12.03 16.39
CA LEU E 147 -6.75 -12.30 15.69
C LEU E 147 -7.63 -13.23 16.49
N TYR E 148 -6.99 -14.15 17.22
CA TYR E 148 -7.68 -15.18 18.01
C TYR E 148 -7.16 -15.19 19.46
N GLU E 149 -7.88 -15.88 20.36
CA GLU E 149 -7.30 -16.43 21.62
C GLU E 149 -6.04 -17.26 21.31
N MET F 1 7.99 -9.90 -24.97
CA MET F 1 8.17 -8.64 -24.21
C MET F 1 9.07 -8.87 -23.01
N GLU F 2 9.81 -7.84 -22.62
CA GLU F 2 10.75 -7.92 -21.54
C GLU F 2 10.10 -8.42 -20.24
N ARG F 3 10.83 -9.26 -19.54
CA ARG F 3 10.36 -9.84 -18.31
C ARG F 3 11.40 -9.69 -17.23
N THR F 4 10.95 -9.69 -15.99
CA THR F 4 11.85 -9.62 -14.87
C THR F 4 11.30 -10.51 -13.80
N PHE F 5 12.13 -10.79 -12.80
CA PHE F 5 11.73 -11.58 -11.64
C PHE F 5 11.57 -10.64 -10.45
N LEU F 6 10.42 -10.75 -9.77
CA LEU F 6 10.19 -10.03 -8.53
C LEU F 6 9.89 -11.02 -7.41
N MET F 7 10.22 -10.64 -6.19
CA MET F 7 9.95 -11.49 -5.06
C MET F 7 9.48 -10.65 -3.85
N ILE F 8 8.29 -10.95 -3.36
CA ILE F 8 7.83 -10.34 -2.13
C ILE F 8 8.43 -11.12 -0.95
N LYS F 9 9.31 -10.46 -0.23
CA LYS F 9 10.12 -11.11 0.80
C LYS F 9 9.32 -11.48 2.05
N PRO F 10 9.89 -12.29 2.95
CA PRO F 10 9.15 -12.69 4.13
C PRO F 10 8.64 -11.55 4.98
N ASP F 11 9.37 -10.44 5.06
CA ASP F 11 8.94 -9.32 5.92
C ASP F 11 7.58 -8.78 5.47
N ALA F 12 7.41 -8.56 4.17
CA ALA F 12 6.13 -8.15 3.62
C ALA F 12 5.01 -9.15 3.90
N VAL F 13 5.34 -10.42 3.77
CA VAL F 13 4.36 -11.50 3.99
C VAL F 13 3.92 -11.50 5.45
N GLN F 14 4.86 -11.34 6.34
CA GLN F 14 4.55 -11.36 7.75
C GLN F 14 3.91 -10.06 8.24
N ARG F 15 4.03 -8.99 7.47
CA ARG F 15 3.32 -7.74 7.77
C ARG F 15 2.01 -7.64 6.99
N ASN F 16 1.67 -8.71 6.26
CA ASN F 16 0.45 -8.76 5.45
C ASN F 16 0.37 -7.72 4.36
N LEU F 17 1.41 -7.58 3.58
CA LEU F 17 1.48 -6.53 2.58
C LEU F 17 1.39 -7.03 1.16
N ILE F 18 1.09 -8.31 0.99
CA ILE F 18 1.13 -8.93 -0.34
C ILE F 18 0.20 -8.17 -1.31
N GLY F 19 -1.05 -7.98 -0.90
CA GLY F 19 -1.99 -7.18 -1.67
C GLY F 19 -1.49 -5.78 -2.01
N GLU F 20 -1.09 -5.03 -0.99
CA GLU F 20 -0.56 -3.69 -1.19
C GLU F 20 0.57 -3.67 -2.25
N VAL F 21 1.55 -4.57 -2.12
CA VAL F 21 2.67 -4.62 -3.05
C VAL F 21 2.22 -4.96 -4.46
N ILE F 22 1.32 -5.91 -4.57
CA ILE F 22 0.89 -6.35 -5.89
C ILE F 22 0.17 -5.22 -6.57
N SER F 23 -0.70 -4.53 -5.82
CA SER F 23 -1.42 -3.36 -6.36
C SER F 23 -0.46 -2.36 -7.00
N ARG F 24 0.61 -2.04 -6.30
CA ARG F 24 1.59 -1.07 -6.74
C ARG F 24 2.29 -1.49 -8.05
N ILE F 25 2.52 -2.78 -8.21
CA ILE F 25 3.03 -3.34 -9.46
C ILE F 25 1.98 -3.30 -10.56
N GLU F 26 0.82 -3.89 -10.30
CA GLU F 26 -0.25 -3.91 -11.29
C GLU F 26 -0.54 -2.54 -11.90
N ARG F 27 -0.70 -1.53 -11.04
CA ARG F 27 -1.24 -0.26 -11.49
C ARG F 27 -0.24 0.49 -12.36
N LYS F 28 1.02 0.09 -12.28
CA LYS F 28 2.04 0.78 -13.03
C LYS F 28 2.07 0.27 -14.44
N GLY F 29 1.27 -0.75 -14.70
CA GLY F 29 1.10 -1.25 -16.06
C GLY F 29 1.88 -2.52 -16.34
N LEU F 30 2.60 -3.02 -15.34
CA LEU F 30 3.34 -4.26 -15.52
C LEU F 30 2.36 -5.40 -15.45
N LYS F 31 2.69 -6.50 -16.11
CA LYS F 31 1.75 -7.62 -16.24
C LYS F 31 2.21 -8.82 -15.42
N LEU F 32 1.36 -9.28 -14.52
CA LEU F 32 1.68 -10.46 -13.74
C LEU F 32 1.50 -11.68 -14.64
N VAL F 33 2.61 -12.39 -14.83
CA VAL F 33 2.72 -13.43 -15.85
C VAL F 33 3.05 -14.80 -15.22
N GLY F 34 3.80 -14.76 -14.11
CA GLY F 34 3.98 -15.91 -13.25
C GLY F 34 3.99 -15.45 -11.80
N GLY F 35 3.41 -16.27 -10.92
CA GLY F 35 3.39 -15.96 -9.50
C GLY F 35 2.99 -17.12 -8.64
N LYS F 36 3.66 -17.28 -7.51
CA LYS F 36 3.37 -18.39 -6.60
C LYS F 36 3.86 -18.12 -5.20
N LEU F 37 3.00 -18.40 -4.21
CA LEU F 37 3.41 -18.35 -2.82
C LEU F 37 4.13 -19.64 -2.52
N MET F 38 5.36 -19.55 -2.02
CA MET F 38 6.18 -20.74 -1.80
C MET F 38 7.16 -20.59 -0.64
N GLN F 39 7.38 -21.66 0.10
CA GLN F 39 8.49 -21.71 1.07
C GLN F 39 9.80 -21.91 0.31
N VAL F 40 10.84 -21.17 0.70
CA VAL F 40 12.12 -21.18 -0.02
C VAL F 40 13.00 -22.30 0.54
N PRO F 41 13.36 -23.30 -0.31
CA PRO F 41 14.30 -24.36 0.07
C PRO F 41 15.70 -23.81 0.28
N MET F 42 16.42 -24.38 1.24
CA MET F 42 17.78 -23.95 1.58
C MET F 42 18.71 -23.87 0.36
N GLU F 43 18.64 -24.88 -0.51
CA GLU F 43 19.31 -24.86 -1.80
C GLU F 43 19.07 -23.53 -2.54
N LEU F 44 17.84 -23.38 -3.03
CA LEU F 44 17.30 -22.21 -3.77
C LEU F 44 17.78 -20.86 -3.24
N ALA F 45 17.85 -20.73 -1.92
CA ALA F 45 18.28 -19.49 -1.33
C ALA F 45 19.74 -19.16 -1.66
N GLU F 46 20.63 -20.12 -1.37
CA GLU F 46 22.09 -19.97 -1.54
C GLU F 46 22.45 -19.66 -2.99
N THR F 47 21.90 -20.44 -3.93
CA THR F 47 22.21 -20.25 -5.35
C THR F 47 21.70 -18.90 -5.87
N HIS F 48 20.48 -18.52 -5.44
CA HIS F 48 19.87 -17.23 -5.77
C HIS F 48 20.79 -16.10 -5.33
N TYR F 49 21.21 -16.17 -4.08
CA TYR F 49 22.02 -15.10 -3.49
C TYR F 49 23.51 -15.41 -3.61
N GLY F 50 23.85 -16.35 -4.51
CA GLY F 50 25.22 -16.83 -4.75
C GLY F 50 26.24 -15.71 -4.69
N GLU F 51 26.04 -14.73 -5.57
CA GLU F 51 26.85 -13.52 -5.62
C GLU F 51 27.15 -12.81 -4.27
N HIS F 52 26.75 -13.41 -3.14
CA HIS F 52 27.11 -12.85 -1.81
C HIS F 52 27.74 -13.83 -0.80
N GLN F 53 28.12 -15.01 -1.22
CA GLN F 53 28.70 -16.03 -0.36
C GLN F 53 29.73 -15.42 0.60
N GLY F 54 30.35 -14.31 0.26
CA GLY F 54 31.42 -13.68 1.05
C GLY F 54 31.04 -12.81 2.25
N LYS F 55 30.19 -11.82 2.09
CA LYS F 55 29.87 -10.88 3.16
C LYS F 55 29.37 -11.60 4.40
N PRO F 56 29.75 -11.07 5.61
CA PRO F 56 29.19 -11.54 6.90
C PRO F 56 27.65 -11.37 7.07
N PHE F 57 27.05 -10.46 6.32
CA PHE F 57 25.57 -10.30 6.30
C PHE F 57 24.84 -11.28 5.36
N TYR F 58 25.60 -12.17 4.72
CA TYR F 58 25.05 -13.29 3.94
C TYR F 58 24.41 -14.34 4.85
N ASN F 59 25.06 -14.63 5.97
CA ASN F 59 24.57 -15.61 6.93
C ASN F 59 23.14 -15.28 7.36
N ASP F 60 22.89 -13.98 7.62
CA ASP F 60 21.59 -13.50 8.02
C ASP F 60 20.65 -13.23 6.84
N LEU F 61 21.22 -13.01 5.65
CA LEU F 61 20.37 -12.78 4.48
C LEU F 61 20.14 -14.07 3.71
N ILE F 62 20.25 -15.21 4.37
CA ILE F 62 19.74 -16.51 3.91
C ILE F 62 18.76 -17.03 4.99
N SER F 63 19.15 -16.83 6.26
CA SER F 63 18.31 -17.16 7.41
C SER F 63 16.96 -16.47 7.32
N PHE F 64 17.00 -15.19 6.96
CA PHE F 64 15.81 -14.40 6.78
C PHE F 64 14.97 -14.88 5.60
N ILE F 65 15.58 -15.08 4.42
CA ILE F 65 14.80 -15.41 3.20
C ILE F 65 14.07 -16.73 3.30
N THR F 66 14.42 -17.52 4.31
CA THR F 66 13.85 -18.85 4.48
C THR F 66 12.96 -18.96 5.73
N SER F 67 12.87 -17.87 6.49
CA SER F 67 12.07 -17.85 7.75
C SER F 67 10.55 -17.83 7.57
N ALA F 68 10.07 -17.59 6.35
CA ALA F 68 8.65 -17.63 6.05
C ALA F 68 8.50 -17.67 4.54
N PRO F 69 7.28 -17.92 4.03
CA PRO F 69 7.10 -18.02 2.59
C PRO F 69 7.38 -16.69 1.90
N VAL F 70 7.42 -16.72 0.57
CA VAL F 70 7.61 -15.53 -0.23
C VAL F 70 6.61 -15.58 -1.38
N PHE F 71 6.44 -14.45 -2.05
CA PHE F 71 5.65 -14.46 -3.26
C PHE F 71 6.57 -14.20 -4.43
N ALA F 72 6.81 -15.26 -5.19
CA ALA F 72 7.74 -15.24 -6.30
C ALA F 72 6.93 -14.85 -7.49
N MET F 73 7.42 -13.87 -8.25
CA MET F 73 6.69 -13.29 -9.36
C MET F 73 7.51 -13.17 -10.62
N VAL F 74 6.85 -13.27 -11.77
CA VAL F 74 7.48 -12.97 -13.04
C VAL F 74 6.59 -11.96 -13.73
N VAL F 75 7.19 -10.80 -13.99
CA VAL F 75 6.42 -9.64 -14.38
C VAL F 75 6.86 -9.07 -15.73
N GLU F 76 5.91 -8.98 -16.63
CA GLU F 76 6.21 -8.67 -18.00
C GLU F 76 5.75 -7.29 -18.40
N GLY F 77 6.63 -6.60 -19.11
CA GLY F 77 6.28 -5.32 -19.67
C GLY F 77 7.49 -4.67 -20.29
N GLU F 78 7.24 -3.67 -21.13
CA GLU F 78 8.31 -2.95 -21.81
C GLU F 78 9.20 -2.29 -20.77
N ASP F 79 10.50 -2.53 -20.89
CA ASP F 79 11.50 -1.99 -19.97
C ASP F 79 11.30 -2.51 -18.53
N ALA F 80 10.73 -3.71 -18.41
CA ALA F 80 10.38 -4.32 -17.11
C ALA F 80 11.43 -4.27 -16.02
N VAL F 81 12.69 -4.56 -16.36
CA VAL F 81 13.71 -4.60 -15.32
C VAL F 81 13.87 -3.23 -14.64
N ASN F 82 14.05 -2.19 -15.46
CA ASN F 82 14.23 -0.79 -15.05
C ASN F 82 13.06 -0.22 -14.29
N VAL F 83 11.88 -0.41 -14.92
CA VAL F 83 10.60 0.05 -14.41
C VAL F 83 10.40 -0.54 -13.02
N SER F 84 10.47 -1.86 -12.91
CA SER F 84 10.40 -2.52 -11.64
C SER F 84 11.34 -1.93 -10.59
N ARG F 85 12.60 -1.76 -10.93
CA ARG F 85 13.57 -1.19 -9.97
C ARG F 85 13.18 0.22 -9.57
N HIS F 86 12.55 0.90 -10.51
CA HIS F 86 12.16 2.28 -10.30
C HIS F 86 11.09 2.40 -9.23
N ILE F 87 10.03 1.57 -9.32
CA ILE F 87 8.94 1.59 -8.34
C ILE F 87 9.35 0.93 -7.05
N ILE F 88 10.37 0.09 -7.12
CA ILE F 88 10.82 -0.59 -5.92
C ILE F 88 11.58 0.41 -5.06
N GLY F 89 12.52 1.15 -5.67
CA GLY F 89 13.30 2.17 -4.95
C GLY F 89 14.60 1.67 -4.35
N SER F 90 15.47 2.61 -3.98
CA SER F 90 16.81 2.34 -3.42
C SER F 90 16.86 1.22 -2.38
N THR F 91 17.92 0.41 -2.42
CA THR F 91 18.11 -0.68 -1.47
C THR F 91 17.78 -0.25 -0.06
N ASN F 92 18.45 0.79 0.42
CA ASN F 92 18.15 1.35 1.73
C ASN F 92 16.83 2.14 1.70
N PRO F 93 15.81 1.66 2.43
CA PRO F 93 14.50 2.32 2.44
C PRO F 93 14.58 3.77 2.88
N SER F 94 15.65 4.14 3.58
CA SER F 94 15.89 5.51 4.04
C SER F 94 16.27 6.43 2.88
N GLU F 95 16.69 5.88 1.78
CA GLU F 95 17.13 6.65 0.61
C GLU F 95 16.17 6.47 -0.56
N ALA F 96 15.41 5.37 -0.53
CA ALA F 96 14.41 5.13 -1.56
C ALA F 96 13.40 6.27 -1.57
N SER F 97 13.01 6.69 -2.76
CA SER F 97 12.10 7.82 -2.90
C SER F 97 10.76 7.52 -2.23
N PRO F 98 10.20 8.52 -1.53
CA PRO F 98 8.84 8.36 -1.04
C PRO F 98 7.93 8.11 -2.24
N GLY F 99 7.05 7.13 -2.13
CA GLY F 99 6.20 6.76 -3.25
C GLY F 99 6.57 5.39 -3.78
N SER F 100 7.85 5.05 -3.70
CA SER F 100 8.32 3.72 -4.12
C SER F 100 7.96 2.74 -3.02
N ILE F 101 7.92 1.46 -3.36
CA ILE F 101 7.54 0.43 -2.41
C ILE F 101 8.42 0.51 -1.16
N ARG F 102 9.74 0.41 -1.33
CA ARG F 102 10.64 0.41 -0.20
C ARG F 102 10.53 1.73 0.53
N GLY F 103 10.45 2.82 -0.23
CA GLY F 103 10.33 4.16 0.34
C GLY F 103 9.17 4.33 1.32
N ASP F 104 8.02 3.76 0.97
CA ASP F 104 6.81 3.87 1.78
C ASP F 104 6.68 2.80 2.87
N LEU F 105 7.14 1.59 2.58
CA LEU F 105 6.82 0.42 3.39
C LEU F 105 7.96 -0.17 4.23
N GLY F 106 9.20 -0.07 3.74
CA GLY F 106 10.34 -0.68 4.45
C GLY F 106 11.07 0.25 5.40
N LEU F 107 11.71 -0.34 6.42
CA LEU F 107 12.46 0.45 7.43
C LEU F 107 13.97 0.36 7.31
N THR F 108 14.49 -0.85 7.11
CA THR F 108 15.92 -1.12 7.17
C THR F 108 16.34 -1.87 5.92
N VAL F 109 17.58 -1.64 5.53
CA VAL F 109 18.15 -2.28 4.34
C VAL F 109 18.03 -3.82 4.34
N GLY F 110 18.17 -4.45 5.50
CA GLY F 110 18.05 -5.90 5.61
C GLY F 110 16.61 -6.40 5.45
N ARG F 111 15.66 -5.59 5.93
CA ARG F 111 14.21 -5.89 5.82
C ARG F 111 13.53 -4.91 4.87
N ASN F 112 13.65 -5.16 3.58
CA ASN F 112 13.19 -4.17 2.61
C ASN F 112 12.14 -4.65 1.59
N ILE F 113 11.20 -5.47 2.08
CA ILE F 113 9.94 -5.75 1.38
C ILE F 113 10.02 -6.62 0.13
N ILE F 114 10.77 -6.16 -0.86
CA ILE F 114 10.70 -6.79 -2.18
C ILE F 114 12.06 -6.86 -2.89
N HIS F 115 12.26 -7.96 -3.61
CA HIS F 115 13.45 -8.06 -4.44
C HIS F 115 13.05 -7.92 -5.89
N GLY F 116 13.95 -7.29 -6.66
CA GLY F 116 13.79 -7.16 -8.09
C GLY F 116 15.11 -7.48 -8.79
N SER F 117 15.01 -8.15 -9.93
CA SER F 117 16.17 -8.45 -10.75
C SER F 117 16.89 -7.15 -11.05
N ASP F 118 18.22 -7.14 -10.97
CA ASP F 118 18.96 -5.87 -11.15
C ASP F 118 19.56 -5.63 -12.54
N SER F 119 19.42 -6.62 -13.44
CA SER F 119 19.73 -6.47 -14.88
C SER F 119 19.06 -7.52 -15.78
N LEU F 120 19.05 -7.24 -17.07
CA LEU F 120 18.48 -8.18 -18.04
C LEU F 120 19.08 -9.57 -17.87
N GLU F 121 20.36 -9.63 -17.51
CA GLU F 121 21.04 -10.91 -17.42
C GLU F 121 20.63 -11.66 -16.16
N SER F 122 20.74 -11.02 -14.99
CA SER F 122 20.26 -11.63 -13.74
C SER F 122 18.73 -11.85 -13.79
N ALA F 123 18.01 -11.09 -14.59
CA ALA F 123 16.60 -11.36 -14.82
C ALA F 123 16.38 -12.75 -15.41
N GLU F 124 16.97 -13.06 -16.58
CA GLU F 124 16.82 -14.34 -17.24
C GLU F 124 17.38 -15.48 -16.39
N ARG F 125 18.37 -15.19 -15.56
CA ARG F 125 18.90 -16.18 -14.62
C ARG F 125 17.86 -16.49 -13.56
N GLU F 126 17.44 -15.45 -12.84
CA GLU F 126 16.47 -15.58 -11.74
C GLU F 126 15.15 -16.20 -12.20
N ILE F 127 14.64 -15.77 -13.35
CA ILE F 127 13.40 -16.38 -13.88
C ILE F 127 13.51 -17.90 -14.07
N ASN F 128 14.65 -18.36 -14.62
CA ASN F 128 14.85 -19.78 -14.87
C ASN F 128 15.11 -20.58 -13.59
N LEU F 129 15.75 -19.92 -12.63
CA LEU F 129 16.03 -20.54 -11.35
C LEU F 129 14.77 -20.82 -10.51
N TRP F 130 13.82 -19.87 -10.53
CA TRP F 130 12.63 -19.92 -9.66
C TRP F 130 11.40 -20.50 -10.34
N PHE F 131 11.35 -20.43 -11.67
CA PHE F 131 10.17 -20.84 -12.44
C PHE F 131 10.50 -21.78 -13.62
N ASN F 132 9.57 -22.67 -13.93
CA ASN F 132 9.67 -23.49 -15.13
C ASN F 132 8.65 -23.01 -16.15
N GLU F 133 8.99 -22.96 -17.39
CA GLU F 133 8.27 -22.48 -18.56
C GLU F 133 6.79 -22.86 -18.49
N ASN F 134 6.35 -23.86 -17.84
CA ASN F 134 4.94 -24.23 -17.77
C ASN F 134 4.18 -23.56 -16.62
N GLU F 135 4.93 -22.89 -15.74
CA GLU F 135 4.35 -22.06 -14.67
C GLU F 135 4.10 -20.62 -15.12
N ILE F 136 4.73 -20.23 -16.23
CA ILE F 136 4.65 -18.88 -16.75
C ILE F 136 3.66 -18.82 -17.90
N THR F 137 2.51 -18.22 -17.64
CA THR F 137 1.49 -18.02 -18.65
C THR F 137 1.91 -16.81 -19.48
N SER F 138 1.20 -16.58 -20.58
CA SER F 138 1.21 -15.28 -21.16
C SER F 138 -0.13 -15.19 -21.76
N TYR F 139 -0.51 -13.98 -22.09
CA TYR F 139 -1.86 -13.68 -22.44
C TYR F 139 -1.95 -12.20 -22.74
N ALA F 140 -2.93 -11.85 -23.55
CA ALA F 140 -3.17 -10.46 -23.90
C ALA F 140 -4.15 -9.86 -22.90
N SER F 141 -3.91 -8.61 -22.53
CA SER F 141 -4.75 -7.89 -21.60
C SER F 141 -5.38 -6.72 -22.33
N PRO F 142 -6.65 -6.41 -22.00
CA PRO F 142 -7.40 -5.32 -22.64
C PRO F 142 -6.65 -3.98 -22.62
N ARG F 143 -5.85 -3.73 -21.58
CA ARG F 143 -5.13 -2.45 -21.44
C ARG F 143 -3.84 -2.33 -22.28
N ASP F 144 -3.31 -3.45 -22.77
CA ASP F 144 -2.07 -3.43 -23.57
C ASP F 144 -2.10 -2.43 -24.71
N ALA F 145 -3.23 -2.32 -25.39
CA ALA F 145 -3.41 -1.32 -26.48
C ALA F 145 -3.25 0.11 -25.97
N TRP F 146 -3.25 0.29 -24.65
CA TRP F 146 -3.29 1.63 -24.03
C TRP F 146 -2.10 1.93 -23.13
N LEU F 147 -1.14 1.00 -23.05
CA LEU F 147 0.09 1.24 -22.31
C LEU F 147 1.20 1.56 -23.31
N TYR F 148 1.15 0.89 -24.47
CA TYR F 148 2.17 1.00 -25.49
C TYR F 148 1.56 1.42 -26.81
N GLU F 149 2.43 1.94 -27.69
CA GLU F 149 2.12 2.15 -29.10
C GLU F 149 2.45 0.88 -29.87
N MET G 1 26.48 -38.70 5.93
CA MET G 1 25.08 -38.50 5.45
C MET G 1 24.24 -37.80 6.50
N GLU G 2 23.27 -37.01 6.04
CA GLU G 2 22.37 -36.29 6.94
C GLU G 2 21.69 -37.19 7.96
N ARG G 3 21.65 -36.69 9.20
CA ARG G 3 21.07 -37.39 10.33
C ARG G 3 20.09 -36.49 11.06
N THR G 4 19.13 -37.12 11.71
CA THR G 4 18.14 -36.39 12.49
C THR G 4 17.85 -37.19 13.75
N PHE G 5 17.23 -36.52 14.71
CA PHE G 5 16.80 -37.17 15.92
C PHE G 5 15.30 -37.42 15.84
N LEU G 6 14.90 -38.66 16.13
CA LEU G 6 13.49 -38.98 16.27
C LEU G 6 13.22 -39.57 17.64
N MET G 7 11.98 -39.40 18.13
CA MET G 7 11.59 -39.93 19.45
C MET G 7 10.18 -40.47 19.44
N ILE G 8 10.04 -41.75 19.75
CA ILE G 8 8.71 -42.29 19.89
C ILE G 8 8.25 -41.96 21.30
N LYS G 9 7.18 -41.17 21.38
CA LYS G 9 6.75 -40.58 22.65
C LYS G 9 6.03 -41.60 23.54
N PRO G 10 5.89 -41.29 24.84
CA PRO G 10 5.18 -42.24 25.73
C PRO G 10 3.81 -42.69 25.25
N ASP G 11 3.05 -41.81 24.58
CA ASP G 11 1.72 -42.24 24.14
C ASP G 11 1.84 -43.46 23.22
N ALA G 12 2.75 -43.40 22.25
CA ALA G 12 2.93 -44.51 21.33
C ALA G 12 3.37 -45.80 22.05
N VAL G 13 4.30 -45.65 22.98
CA VAL G 13 4.79 -46.75 23.79
C VAL G 13 3.68 -47.41 24.59
N GLN G 14 2.82 -46.60 25.21
CA GLN G 14 1.71 -47.12 26.01
C GLN G 14 0.55 -47.69 25.17
N ARG G 15 0.44 -47.26 23.93
CA ARG G 15 -0.51 -47.85 23.00
C ARG G 15 0.11 -48.99 22.20
N ASN G 16 1.35 -49.37 22.53
CA ASN G 16 2.07 -50.46 21.83
C ASN G 16 2.24 -50.22 20.32
N LEU G 17 2.72 -49.06 19.95
CA LEU G 17 2.90 -48.77 18.54
C LEU G 17 4.38 -48.69 18.10
N ILE G 18 5.30 -49.11 18.96
CA ILE G 18 6.70 -48.96 18.63
C ILE G 18 7.02 -49.62 17.30
N GLY G 19 6.65 -50.88 17.17
CA GLY G 19 6.78 -51.62 15.91
C GLY G 19 6.21 -50.87 14.71
N GLU G 20 4.93 -50.51 14.80
CA GLU G 20 4.23 -49.83 13.72
C GLU G 20 5.00 -48.60 13.27
N VAL G 21 5.38 -47.74 14.23
CA VAL G 21 6.15 -46.49 13.96
C VAL G 21 7.51 -46.77 13.32
N ILE G 22 8.27 -47.69 13.89
CA ILE G 22 9.54 -48.06 13.30
C ILE G 22 9.38 -48.58 11.87
N SER G 23 8.37 -49.41 11.62
CA SER G 23 8.08 -49.87 10.25
C SER G 23 7.94 -48.75 9.24
N ARG G 24 7.22 -47.71 9.66
CA ARG G 24 6.91 -46.58 8.78
C ARG G 24 8.16 -45.79 8.45
N ILE G 25 9.08 -45.71 9.41
CA ILE G 25 10.37 -45.07 9.20
C ILE G 25 11.25 -45.91 8.28
N GLU G 26 11.48 -47.17 8.66
CA GLU G 26 12.30 -48.13 7.89
C GLU G 26 11.96 -48.17 6.41
N ARG G 27 10.67 -48.37 6.09
CA ARG G 27 10.26 -48.65 4.71
C ARG G 27 10.43 -47.42 3.82
N LYS G 28 10.45 -46.24 4.47
CA LYS G 28 10.67 -44.99 3.77
C LYS G 28 12.15 -44.78 3.38
N GLY G 29 12.99 -45.74 3.72
CA GLY G 29 14.36 -45.74 3.26
C GLY G 29 15.33 -45.07 4.21
N LEU G 30 14.84 -44.59 5.34
CA LEU G 30 15.72 -44.02 6.33
C LEU G 30 16.46 -45.12 7.08
N LYS G 31 17.65 -44.83 7.57
CA LYS G 31 18.44 -45.86 8.22
C LYS G 31 18.47 -45.65 9.71
N LEU G 32 18.04 -46.67 10.46
CA LEU G 32 18.16 -46.65 11.91
C LEU G 32 19.63 -46.81 12.29
N VAL G 33 20.15 -45.80 12.96
CA VAL G 33 21.61 -45.66 13.16
C VAL G 33 21.96 -45.62 14.65
N GLY G 34 21.01 -45.11 15.44
CA GLY G 34 21.04 -45.24 16.88
C GLY G 34 19.61 -45.40 17.36
N GLY G 35 19.43 -46.18 18.41
CA GLY G 35 18.10 -46.34 19.01
C GLY G 35 18.21 -46.94 20.38
N LYS G 36 17.39 -46.47 21.31
CA LYS G 36 17.38 -47.00 22.68
C LYS G 36 16.07 -46.71 23.40
N LEU G 37 15.50 -47.74 24.01
CA LEU G 37 14.38 -47.55 24.91
C LEU G 37 14.94 -47.02 26.24
N MET G 38 14.42 -45.89 26.70
CA MET G 38 14.92 -45.26 27.92
C MET G 38 13.85 -44.44 28.67
N GLN G 39 13.93 -44.45 30.00
CA GLN G 39 13.16 -43.52 30.84
C GLN G 39 13.83 -42.19 30.76
N VAL G 40 13.07 -41.11 30.53
CA VAL G 40 13.70 -39.80 30.37
C VAL G 40 13.83 -39.10 31.72
N PRO G 41 15.09 -38.75 32.12
CA PRO G 41 15.38 -37.99 33.36
C PRO G 41 14.80 -36.59 33.33
N MET G 42 14.33 -36.10 34.49
CA MET G 42 13.74 -34.75 34.61
C MET G 42 14.65 -33.63 34.01
N GLU G 43 15.95 -33.62 34.36
CA GLU G 43 17.00 -32.81 33.68
C GLU G 43 16.78 -32.75 32.15
N LEU G 44 17.09 -33.82 31.46
CA LEU G 44 17.13 -33.90 30.00
C LEU G 44 15.74 -33.81 29.40
N ALA G 45 14.63 -33.69 30.08
CA ALA G 45 13.34 -33.27 29.49
C ALA G 45 13.32 -31.74 29.32
N GLU G 46 13.62 -31.04 30.42
CA GLU G 46 13.61 -29.58 30.48
C GLU G 46 14.53 -28.95 29.45
N THR G 47 15.77 -29.47 29.35
CA THR G 47 16.75 -28.93 28.41
C THR G 47 16.36 -29.21 26.94
N HIS G 48 15.85 -30.42 26.66
CA HIS G 48 15.33 -30.77 25.34
C HIS G 48 14.21 -29.81 24.97
N TYR G 49 13.28 -29.67 25.92
CA TYR G 49 12.16 -28.75 25.83
C TYR G 49 12.50 -27.40 26.48
N GLY G 50 13.68 -26.88 26.14
CA GLY G 50 14.13 -25.58 26.63
C GLY G 50 13.31 -24.45 26.04
N GLU G 51 13.38 -24.29 24.71
CA GLU G 51 12.62 -23.24 24.01
C GLU G 51 11.11 -23.35 24.22
N HIS G 52 10.71 -24.26 25.11
CA HIS G 52 9.32 -24.43 25.45
C HIS G 52 8.92 -23.81 26.78
N GLN G 53 9.92 -23.36 27.56
CA GLN G 53 9.72 -22.93 28.95
C GLN G 53 8.46 -22.09 29.22
N GLY G 54 8.35 -20.96 28.54
CA GLY G 54 7.32 -19.98 28.86
C GLY G 54 5.89 -20.46 28.72
N LYS G 55 5.59 -21.17 27.66
CA LYS G 55 4.27 -21.42 27.09
C LYS G 55 3.34 -22.07 28.11
N PRO G 56 1.94 -21.81 27.88
CA PRO G 56 0.73 -22.45 28.44
C PRO G 56 0.70 -24.00 28.63
N PHE G 57 1.46 -24.75 27.79
CA PHE G 57 1.40 -26.21 27.86
C PHE G 57 2.78 -26.81 28.07
N TYR G 58 3.67 -26.12 28.74
CA TYR G 58 5.00 -26.65 29.09
C TYR G 58 4.93 -27.55 30.35
N ASN G 59 4.10 -27.19 31.37
CA ASN G 59 3.97 -27.90 32.63
C ASN G 59 3.38 -29.29 32.44
N ASP G 60 2.66 -29.44 31.33
CA ASP G 60 2.06 -30.71 30.95
C ASP G 60 2.91 -31.45 29.89
N LEU G 61 3.88 -30.74 29.25
CA LEU G 61 4.97 -31.38 28.54
C LEU G 61 5.94 -32.07 29.50
N ILE G 62 6.87 -31.34 30.12
CA ILE G 62 7.83 -31.84 31.10
C ILE G 62 7.24 -33.00 31.90
N SER G 63 5.94 -32.96 32.14
CA SER G 63 5.17 -34.02 32.77
C SER G 63 5.09 -35.25 31.86
N PHE G 64 4.16 -35.19 30.89
CA PHE G 64 3.88 -36.25 29.92
C PHE G 64 5.11 -36.97 29.39
N ILE G 65 6.13 -36.20 28.95
CA ILE G 65 7.37 -36.72 28.37
C ILE G 65 8.06 -37.69 29.32
N THR G 66 7.84 -37.57 30.62
CA THR G 66 8.49 -38.40 31.63
C THR G 66 7.58 -39.48 32.29
N SER G 67 6.31 -39.56 31.86
CA SER G 67 5.36 -40.50 32.46
C SER G 67 5.54 -41.97 32.08
N ALA G 68 6.44 -42.23 31.12
CA ALA G 68 6.73 -43.59 30.63
C ALA G 68 7.97 -43.52 29.77
N PRO G 69 8.57 -44.68 29.43
CA PRO G 69 9.77 -44.65 28.58
C PRO G 69 9.46 -44.14 27.17
N VAL G 70 10.51 -43.86 26.42
CA VAL G 70 10.39 -43.42 25.05
C VAL G 70 11.36 -44.23 24.22
N PHE G 71 11.20 -44.19 22.91
CA PHE G 71 12.23 -44.77 22.07
C PHE G 71 12.95 -43.63 21.39
N ALA G 72 14.20 -43.43 21.80
CA ALA G 72 15.02 -42.37 21.23
C ALA G 72 15.76 -42.94 20.05
N MET G 73 15.70 -42.22 18.94
CA MET G 73 16.24 -42.72 17.69
C MET G 73 17.14 -41.71 17.00
N VAL G 74 18.14 -42.22 16.29
CA VAL G 74 18.96 -41.38 15.39
C VAL G 74 18.83 -42.00 14.02
N VAL G 75 18.14 -41.31 13.15
CA VAL G 75 17.89 -41.83 11.83
C VAL G 75 18.70 -41.09 10.73
N GLU G 76 19.35 -41.86 9.85
CA GLU G 76 20.28 -41.33 8.86
C GLU G 76 19.80 -41.58 7.43
N GLY G 77 19.98 -40.57 6.58
CA GLY G 77 19.54 -40.65 5.21
C GLY G 77 19.60 -39.27 4.58
N GLU G 78 19.60 -39.26 3.25
CA GLU G 78 19.68 -38.04 2.49
C GLU G 78 18.40 -37.26 2.74
N ASP G 79 18.58 -36.00 3.15
CA ASP G 79 17.49 -35.07 3.46
C ASP G 79 16.69 -35.53 4.69
N ALA G 80 17.37 -36.22 5.61
CA ALA G 80 16.73 -36.87 6.75
C ALA G 80 15.77 -35.99 7.53
N VAL G 81 16.19 -34.75 7.81
CA VAL G 81 15.39 -33.88 8.67
C VAL G 81 14.02 -33.60 8.09
N ASN G 82 13.97 -33.15 6.86
CA ASN G 82 12.70 -32.81 6.23
C ASN G 82 11.90 -34.04 5.84
N VAL G 83 12.56 -35.13 5.40
CA VAL G 83 11.90 -36.43 5.03
C VAL G 83 11.18 -37.00 6.27
N SER G 84 11.92 -37.09 7.38
CA SER G 84 11.30 -37.45 8.65
C SER G 84 10.07 -36.60 8.92
N ARG G 85 10.21 -35.26 8.85
CA ARG G 85 9.05 -34.39 9.15
C ARG G 85 7.90 -34.66 8.21
N HIS G 86 8.22 -35.06 7.00
CA HIS G 86 7.23 -35.30 5.99
C HIS G 86 6.34 -36.52 6.35
N ILE G 87 6.96 -37.63 6.70
CA ILE G 87 6.20 -38.84 7.06
C ILE G 87 5.55 -38.68 8.44
N ILE G 88 6.10 -37.78 9.27
CA ILE G 88 5.58 -37.61 10.60
C ILE G 88 4.26 -36.86 10.50
N GLY G 89 4.26 -35.75 9.75
CA GLY G 89 3.05 -34.98 9.52
C GLY G 89 2.84 -33.83 10.50
N SER G 90 1.86 -32.98 10.17
CA SER G 90 1.51 -31.77 10.94
C SER G 90 1.41 -32.00 12.44
N THR G 91 1.93 -31.05 13.22
CA THR G 91 1.82 -31.10 14.68
C THR G 91 0.45 -31.60 15.12
N ASN G 92 -0.59 -30.91 14.68
CA ASN G 92 -1.95 -31.32 15.00
C ASN G 92 -2.35 -32.51 14.13
N PRO G 93 -2.56 -33.68 14.76
CA PRO G 93 -2.92 -34.89 14.03
C PRO G 93 -4.16 -34.77 13.20
N SER G 94 -5.11 -33.93 13.59
CA SER G 94 -6.20 -33.69 12.64
C SER G 94 -5.96 -32.44 11.79
N GLU G 95 -4.75 -32.37 11.22
CA GLU G 95 -4.38 -31.56 10.05
C GLU G 95 -3.28 -32.31 9.31
N ALA G 96 -2.58 -33.19 10.06
CA ALA G 96 -1.52 -34.05 9.45
C ALA G 96 -2.16 -34.90 8.37
N SER G 97 -1.47 -35.04 7.23
CA SER G 97 -2.02 -35.78 6.10
C SER G 97 -2.30 -37.24 6.48
N PRO G 98 -3.45 -37.76 6.01
CA PRO G 98 -3.67 -39.20 6.15
C PRO G 98 -2.54 -39.95 5.44
N GLY G 99 -2.01 -40.99 6.08
CA GLY G 99 -0.83 -41.69 5.58
C GLY G 99 0.38 -41.39 6.45
N SER G 100 0.46 -40.17 6.98
CA SER G 100 1.59 -39.82 7.83
C SER G 100 1.37 -40.46 9.19
N ILE G 101 2.43 -40.55 9.99
CA ILE G 101 2.33 -41.21 11.27
C ILE G 101 1.25 -40.55 12.12
N ARG G 102 1.41 -39.24 12.35
CA ARG G 102 0.47 -38.47 13.18
C ARG G 102 -0.95 -38.53 12.57
N GLY G 103 -1.01 -38.33 11.26
CA GLY G 103 -2.25 -38.41 10.53
C GLY G 103 -3.05 -39.68 10.81
N ASP G 104 -2.37 -40.82 10.84
CA ASP G 104 -3.04 -42.12 10.98
C ASP G 104 -3.19 -42.57 12.42
N LEU G 105 -2.22 -42.23 13.26
CA LEU G 105 -2.18 -42.79 14.62
C LEU G 105 -2.63 -41.86 15.78
N GLY G 106 -2.28 -40.57 15.70
CA GLY G 106 -2.51 -39.62 16.81
C GLY G 106 -3.86 -38.93 16.77
N LEU G 107 -4.31 -38.49 17.95
CA LEU G 107 -5.63 -37.86 18.07
C LEU G 107 -5.55 -36.36 18.34
N THR G 108 -4.70 -35.98 19.31
CA THR G 108 -4.62 -34.61 19.79
C THR G 108 -3.20 -34.09 19.74
N VAL G 109 -3.06 -32.77 19.57
CA VAL G 109 -1.77 -32.11 19.45
C VAL G 109 -0.79 -32.40 20.60
N GLY G 110 -1.32 -32.53 21.82
CA GLY G 110 -0.48 -32.86 22.98
C GLY G 110 0.00 -34.31 22.99
N ARG G 111 -0.82 -35.20 22.41
CA ARG G 111 -0.53 -36.65 22.36
C ARG G 111 -0.38 -37.07 20.90
N ASN G 112 0.77 -36.77 20.31
CA ASN G 112 0.94 -36.99 18.88
C ASN G 112 2.12 -37.90 18.45
N ILE G 113 2.31 -38.99 19.23
CA ILE G 113 3.05 -40.18 18.80
C ILE G 113 4.57 -40.05 18.75
N ILE G 114 5.04 -39.11 17.94
CA ILE G 114 6.46 -39.05 17.66
C ILE G 114 6.96 -37.62 17.56
N HIS G 115 8.18 -37.40 18.05
CA HIS G 115 8.87 -36.16 17.81
C HIS G 115 9.97 -36.33 16.76
N GLY G 116 10.14 -35.29 15.94
CA GLY G 116 11.24 -35.22 14.97
C GLY G 116 11.90 -33.86 15.05
N SER G 117 13.22 -33.86 14.91
CA SER G 117 14.00 -32.61 14.84
C SER G 117 13.42 -31.70 13.77
N ASP G 118 13.28 -30.41 14.07
CA ASP G 118 12.62 -29.49 13.11
C ASP G 118 13.52 -28.66 12.17
N SER G 119 14.84 -28.63 12.39
CA SER G 119 15.83 -28.04 11.49
C SER G 119 17.19 -28.72 11.65
N LEU G 120 18.08 -28.59 10.68
CA LEU G 120 19.44 -29.15 10.75
C LEU G 120 20.21 -28.80 12.05
N GLU G 121 20.06 -27.57 12.55
CA GLU G 121 20.75 -27.25 13.82
C GLU G 121 20.08 -27.82 15.09
N SER G 122 18.75 -27.83 15.17
CA SER G 122 18.14 -28.55 16.30
C SER G 122 18.40 -30.07 16.18
N ALA G 123 18.55 -30.57 14.95
CA ALA G 123 18.93 -31.96 14.75
C ALA G 123 20.28 -32.22 15.44
N GLU G 124 21.30 -31.38 15.12
CA GLU G 124 22.66 -31.50 15.64
C GLU G 124 22.70 -31.32 17.15
N ARG G 125 21.75 -30.55 17.65
CA ARG G 125 21.65 -30.33 19.10
C ARG G 125 21.07 -31.56 19.78
N GLU G 126 19.88 -31.94 19.31
CA GLU G 126 19.13 -33.05 19.93
C GLU G 126 19.94 -34.36 19.90
N ILE G 127 20.62 -34.63 18.79
CA ILE G 127 21.45 -35.84 18.68
C ILE G 127 22.54 -35.90 19.75
N ASN G 128 23.21 -34.76 20.00
CA ASN G 128 24.29 -34.71 21.00
C ASN G 128 23.76 -34.71 22.41
N LEU G 129 22.56 -34.18 22.59
CA LEU G 129 21.92 -34.14 23.88
C LEU G 129 21.48 -35.53 24.33
N TRP G 130 20.91 -36.32 23.40
CA TRP G 130 20.31 -37.64 23.73
C TRP G 130 21.26 -38.84 23.62
N PHE G 131 22.31 -38.69 22.81
CA PHE G 131 23.20 -39.79 22.44
C PHE G 131 24.68 -39.38 22.57
N ASN G 132 25.52 -40.36 22.85
CA ASN G 132 26.98 -40.21 22.77
C ASN G 132 27.53 -41.02 21.61
N GLU G 133 28.44 -40.48 20.84
CA GLU G 133 28.83 -40.99 19.53
C GLU G 133 29.39 -42.40 19.63
N ASN G 134 29.42 -43.05 20.75
CA ASN G 134 29.70 -44.49 20.86
C ASN G 134 28.42 -45.36 20.91
N GLU G 135 27.26 -44.69 21.03
CA GLU G 135 25.95 -45.31 20.93
C GLU G 135 25.42 -45.29 19.50
N ILE G 136 26.02 -44.44 18.66
CA ILE G 136 25.58 -44.29 17.28
C ILE G 136 26.49 -45.12 16.37
N THR G 137 25.93 -46.18 15.83
CA THR G 137 26.65 -47.01 14.88
C THR G 137 26.68 -46.39 13.49
N SER G 138 27.59 -46.92 12.68
CA SER G 138 27.76 -46.54 11.28
C SER G 138 27.75 -47.87 10.56
N TYR G 139 27.08 -47.95 9.41
CA TYR G 139 27.13 -49.17 8.61
C TYR G 139 26.51 -49.01 7.24
N ALA G 140 26.96 -49.84 6.32
CA ALA G 140 26.40 -49.86 4.99
C ALA G 140 25.28 -50.90 4.92
N SER G 141 24.22 -50.57 4.19
CA SER G 141 23.10 -51.48 4.00
C SER G 141 23.02 -51.85 2.55
N PRO G 142 22.58 -53.09 2.27
CA PRO G 142 22.39 -53.59 0.90
C PRO G 142 21.55 -52.67 0.02
N ARG G 143 20.56 -52.01 0.61
CA ARG G 143 19.65 -51.21 -0.19
C ARG G 143 20.19 -49.81 -0.52
N ASP G 144 21.28 -49.39 0.13
CA ASP G 144 21.82 -48.04 -0.12
C ASP G 144 22.10 -47.78 -1.62
N ALA G 145 22.61 -48.79 -2.32
CA ALA G 145 22.87 -48.69 -3.76
C ALA G 145 21.59 -48.45 -4.56
N TRP G 146 20.43 -48.58 -3.89
CA TRP G 146 19.13 -48.54 -4.57
C TRP G 146 18.17 -47.45 -4.04
N LEU G 147 18.66 -46.64 -3.10
CA LEU G 147 17.88 -45.50 -2.61
C LEU G 147 18.42 -44.23 -3.20
N TYR G 148 19.74 -44.19 -3.41
CA TYR G 148 20.44 -43.04 -3.95
C TYR G 148 21.22 -43.40 -5.23
N GLU G 149 21.69 -42.38 -5.96
CA GLU G 149 22.83 -42.58 -6.86
C GLU G 149 24.15 -42.34 -6.11
N MET H 1 19.34 10.99 -26.32
CA MET H 1 20.79 10.72 -26.07
C MET H 1 21.12 10.73 -24.58
N GLU H 2 22.12 9.94 -24.21
CA GLU H 2 22.55 9.84 -22.82
C GLU H 2 22.90 11.20 -22.20
N ARG H 3 22.46 11.38 -20.97
CA ARG H 3 22.68 12.60 -20.23
C ARG H 3 23.22 12.29 -18.87
N THR H 4 23.99 13.23 -18.34
CA THR H 4 24.50 13.09 -16.99
C THR H 4 24.39 14.44 -16.29
N PHE H 5 24.55 14.42 -14.98
CA PHE H 5 24.56 15.63 -14.19
C PHE H 5 26.04 15.94 -13.85
N LEU H 6 26.44 17.19 -14.08
CA LEU H 6 27.75 17.67 -13.60
C LEU H 6 27.58 18.88 -12.66
N MET H 7 28.55 19.10 -11.80
CA MET H 7 28.45 20.23 -10.88
C MET H 7 29.82 20.86 -10.63
N ILE H 8 29.98 22.12 -11.00
CA ILE H 8 31.20 22.82 -10.67
C ILE H 8 31.09 23.27 -9.21
N LYS H 9 31.97 22.73 -8.37
CA LYS H 9 31.87 22.88 -6.93
C LYS H 9 32.35 24.26 -6.49
N PRO H 10 32.04 24.67 -5.23
CA PRO H 10 32.41 26.01 -4.77
C PRO H 10 33.90 26.33 -4.86
N ASP H 11 34.78 25.34 -4.67
CA ASP H 11 36.23 25.57 -4.79
C ASP H 11 36.54 26.13 -6.17
N ALA H 12 36.06 25.49 -7.22
CA ALA H 12 36.31 25.99 -8.58
C ALA H 12 35.79 27.42 -8.79
N VAL H 13 34.58 27.67 -8.27
CA VAL H 13 33.94 28.96 -8.38
C VAL H 13 34.76 30.02 -7.67
N GLN H 14 35.26 29.67 -6.49
CA GLN H 14 36.05 30.60 -5.69
C GLN H 14 37.49 30.81 -6.19
N ARG H 15 37.97 29.87 -7.01
CA ARG H 15 39.25 30.04 -7.70
C ARG H 15 39.05 30.56 -9.14
N ASN H 16 37.81 30.87 -9.50
CA ASN H 16 37.50 31.41 -10.84
C ASN H 16 37.83 30.45 -12.00
N LEU H 17 37.39 29.21 -11.89
CA LEU H 17 37.73 28.22 -12.90
C LEU H 17 36.53 27.74 -13.72
N ILE H 18 35.38 28.40 -13.54
CA ILE H 18 34.19 28.03 -14.28
C ILE H 18 34.52 27.93 -15.77
N GLY H 19 35.02 29.03 -16.35
CA GLY H 19 35.45 29.07 -17.76
C GLY H 19 36.30 27.84 -18.11
N GLU H 20 37.42 27.70 -17.42
CA GLU H 20 38.37 26.61 -17.70
C GLU H 20 37.66 25.24 -17.70
N VAL H 21 36.84 24.96 -16.67
CA VAL H 21 36.17 23.66 -16.57
C VAL H 21 35.20 23.47 -17.74
N ILE H 22 34.42 24.49 -18.04
CA ILE H 22 33.42 24.36 -19.08
C ILE H 22 34.11 24.08 -20.41
N SER H 23 35.23 24.76 -20.66
CA SER H 23 35.99 24.55 -21.91
C SER H 23 36.41 23.09 -22.09
N ARG H 24 36.91 22.50 -21.00
CA ARG H 24 37.32 21.08 -20.97
C ARG H 24 36.13 20.15 -21.29
N ILE H 25 34.95 20.50 -20.79
CA ILE H 25 33.78 19.70 -21.09
C ILE H 25 33.37 19.87 -22.55
N GLU H 26 33.20 21.12 -22.98
CA GLU H 26 32.82 21.47 -24.36
C GLU H 26 33.65 20.77 -25.42
N ARG H 27 34.95 20.99 -25.34
CA ARG H 27 35.87 20.57 -26.40
C ARG H 27 35.89 19.03 -26.56
N LYS H 28 35.48 18.33 -25.47
CA LYS H 28 35.47 16.87 -25.49
C LYS H 28 34.47 16.34 -26.51
N GLY H 29 33.39 17.15 -26.72
CA GLY H 29 32.30 16.83 -27.60
C GLY H 29 30.97 16.64 -26.87
N LEU H 30 30.97 16.82 -25.55
CA LEU H 30 29.73 16.78 -24.77
C LEU H 30 28.96 18.07 -24.98
N LYS H 31 27.62 17.98 -24.88
CA LYS H 31 26.75 19.11 -25.17
C LYS H 31 26.12 19.66 -23.89
N LEU H 32 26.35 20.94 -23.64
CA LEU H 32 25.73 21.61 -22.50
C LEU H 32 24.25 21.85 -22.82
N VAL H 33 23.41 21.20 -22.01
CA VAL H 33 22.00 21.04 -22.32
C VAL H 33 21.16 21.71 -21.24
N GLY H 34 21.68 21.67 -20.01
CA GLY H 34 21.20 22.54 -18.92
C GLY H 34 22.39 23.10 -18.12
N GLY H 35 22.21 24.30 -17.56
CA GLY H 35 23.24 24.89 -16.73
C GLY H 35 22.68 26.11 -16.04
N LYS H 36 23.09 26.29 -14.77
CA LYS H 36 22.65 27.45 -13.97
C LYS H 36 23.55 27.67 -12.76
N LEU H 37 23.99 28.91 -12.59
CA LEU H 37 24.73 29.28 -11.38
C LEU H 37 23.74 29.48 -10.23
N MET H 38 23.91 28.73 -9.14
CA MET H 38 22.94 28.75 -8.05
C MET H 38 23.56 28.50 -6.67
N GLN H 39 23.03 29.19 -5.65
CA GLN H 39 23.35 28.86 -4.25
C GLN H 39 22.60 27.58 -3.88
N VAL H 40 23.28 26.61 -3.27
CA VAL H 40 22.63 25.31 -2.93
C VAL H 40 21.95 25.39 -1.54
N PRO H 41 20.59 25.23 -1.52
CA PRO H 41 19.77 25.18 -0.29
C PRO H 41 20.17 24.00 0.61
N MET H 42 20.20 24.24 1.93
CA MET H 42 20.55 23.20 2.91
C MET H 42 19.74 21.90 2.70
N GLU H 43 18.42 22.07 2.75
CA GLU H 43 17.43 21.09 2.35
C GLU H 43 18.08 20.18 1.32
N LEU H 44 18.32 20.76 0.13
CA LEU H 44 18.91 20.06 -1.03
C LEU H 44 20.15 19.26 -0.67
N ALA H 45 21.26 19.97 -0.42
CA ALA H 45 22.61 19.37 -0.20
C ALA H 45 22.56 17.97 0.42
N GLU H 46 21.78 17.86 1.50
CA GLU H 46 21.59 16.62 2.25
C GLU H 46 21.02 15.49 1.41
N THR H 47 19.95 15.78 0.67
CA THR H 47 19.33 14.77 -0.22
C THR H 47 20.24 14.33 -1.37
N HIS H 48 20.96 15.27 -1.97
CA HIS H 48 21.95 14.97 -3.00
C HIS H 48 23.02 14.03 -2.47
N TYR H 49 23.57 14.38 -1.30
CA TYR H 49 24.61 13.57 -0.64
C TYR H 49 24.04 12.53 0.34
N GLY H 50 22.76 12.19 0.16
CA GLY H 50 22.07 11.27 1.04
C GLY H 50 22.89 10.04 1.40
N GLU H 51 23.20 9.26 0.36
CA GLU H 51 23.90 7.99 0.49
C GLU H 51 25.36 8.11 0.96
N HIS H 52 25.58 9.02 1.91
CA HIS H 52 26.86 9.24 2.61
C HIS H 52 26.53 9.83 3.99
N GLN H 53 25.31 9.58 4.45
CA GLN H 53 24.79 10.20 5.68
C GLN H 53 25.64 9.88 6.91
N GLY H 54 26.28 8.72 6.88
CA GLY H 54 27.02 8.18 8.00
C GLY H 54 28.36 8.85 8.30
N LYS H 55 29.03 9.40 7.35
CA LYS H 55 30.41 9.87 7.49
C LYS H 55 30.55 10.80 8.69
N PRO H 56 31.84 10.85 9.27
CA PRO H 56 32.36 12.02 9.99
C PRO H 56 32.99 13.04 9.05
N PHE H 57 33.15 12.56 7.75
CA PHE H 57 33.43 13.40 6.58
C PHE H 57 32.20 13.51 5.67
N TYR H 58 31.05 13.84 6.30
CA TYR H 58 29.77 14.29 5.69
C TYR H 58 29.48 15.69 6.28
N ASN H 59 29.85 15.88 7.56
CA ASN H 59 29.70 17.11 8.35
C ASN H 59 30.46 18.31 7.81
N ASP H 60 31.43 18.03 6.95
CA ASP H 60 32.22 19.04 6.29
C ASP H 60 31.92 19.07 4.79
N LEU H 61 31.18 18.06 4.35
CA LEU H 61 30.61 18.07 3.02
C LEU H 61 29.37 18.99 3.06
N ILE H 62 28.85 19.14 4.27
CA ILE H 62 27.65 19.94 4.53
C ILE H 62 27.90 21.45 4.31
N SER H 63 28.87 22.01 5.05
CA SER H 63 29.25 23.43 4.96
C SER H 63 29.95 23.73 3.64
N PHE H 64 30.77 22.80 3.16
CA PHE H 64 31.54 23.10 1.98
C PHE H 64 30.63 23.36 0.79
N ILE H 65 29.77 22.39 0.50
CA ILE H 65 28.96 22.50 -0.71
C ILE H 65 28.20 23.82 -0.70
N THR H 66 27.73 24.21 0.47
CA THR H 66 26.83 25.36 0.61
C THR H 66 27.52 26.69 0.93
N SER H 67 28.85 26.66 1.07
CA SER H 67 29.66 27.86 1.39
C SER H 67 29.80 28.88 0.24
N ALA H 68 29.32 28.54 -0.96
CA ALA H 68 29.31 29.46 -2.10
C ALA H 68 28.49 28.85 -3.22
N PRO H 69 28.18 29.63 -4.27
CA PRO H 69 27.37 29.07 -5.36
C PRO H 69 28.08 27.93 -6.05
N VAL H 70 27.35 27.23 -6.91
CA VAL H 70 27.94 26.19 -7.77
C VAL H 70 27.44 26.40 -9.19
N PHE H 71 28.03 25.69 -10.13
CA PHE H 71 27.45 25.64 -11.46
C PHE H 71 26.91 24.23 -11.67
N ALA H 72 25.57 24.12 -11.61
CA ALA H 72 24.88 22.87 -11.86
C ALA H 72 24.69 22.74 -13.37
N MET H 73 25.07 21.57 -13.90
CA MET H 73 25.06 21.31 -15.33
C MET H 73 24.35 20.02 -15.69
N VAL H 74 23.76 19.99 -16.89
CA VAL H 74 23.28 18.76 -17.50
C VAL H 74 23.97 18.65 -18.88
N VAL H 75 24.92 17.69 -18.99
CA VAL H 75 25.69 17.45 -20.20
C VAL H 75 25.18 16.22 -20.94
N GLU H 76 24.97 16.38 -22.26
CA GLU H 76 24.38 15.35 -23.11
C GLU H 76 25.34 14.90 -24.19
N GLY H 77 25.40 13.58 -24.36
CA GLY H 77 26.24 12.98 -25.37
C GLY H 77 26.26 11.47 -25.21
N GLU H 78 26.71 10.80 -26.25
CA GLU H 78 26.82 9.34 -26.24
C GLU H 78 27.82 8.90 -25.18
N ASP H 79 27.38 8.00 -24.31
CA ASP H 79 28.20 7.50 -23.21
C ASP H 79 28.60 8.63 -22.23
N ALA H 80 27.71 9.64 -22.13
CA ALA H 80 27.92 10.80 -21.25
C ALA H 80 28.41 10.47 -19.83
N VAL H 81 27.82 9.50 -19.15
CA VAL H 81 28.20 9.30 -17.75
C VAL H 81 29.71 8.97 -17.59
N ASN H 82 30.23 8.04 -18.40
CA ASN H 82 31.62 7.56 -18.24
C ASN H 82 32.67 8.41 -18.96
N VAL H 83 32.21 9.03 -20.05
CA VAL H 83 33.02 10.05 -20.72
C VAL H 83 33.28 11.15 -19.71
N SER H 84 32.20 11.67 -19.12
CA SER H 84 32.31 12.68 -18.06
C SER H 84 33.24 12.25 -16.96
N ARG H 85 33.04 11.03 -16.43
CA ARG H 85 33.91 10.56 -15.34
C ARG H 85 35.36 10.47 -15.80
N HIS H 86 35.52 10.07 -17.05
CA HIS H 86 36.85 9.92 -17.63
C HIS H 86 37.64 11.26 -17.61
N ILE H 87 37.05 12.34 -18.13
CA ILE H 87 37.76 13.63 -18.17
C ILE H 87 37.80 14.25 -16.77
N ILE H 88 36.89 13.85 -15.89
CA ILE H 88 36.93 14.41 -14.54
C ILE H 88 38.14 13.90 -13.77
N GLY H 89 38.30 12.56 -13.73
CA GLY H 89 39.44 11.90 -13.10
C GLY H 89 39.17 11.41 -11.69
N SER H 90 40.09 10.55 -11.21
CA SER H 90 40.02 9.85 -9.91
C SER H 90 39.68 10.82 -8.78
N THR H 91 38.77 10.39 -7.88
CA THR H 91 38.30 11.19 -6.73
C THR H 91 39.43 11.96 -6.08
N ASN H 92 40.52 11.26 -5.78
CA ASN H 92 41.70 11.92 -5.23
C ASN H 92 42.46 12.54 -6.39
N PRO H 93 42.57 13.88 -6.40
CA PRO H 93 43.32 14.56 -7.45
C PRO H 93 44.75 14.05 -7.56
N SER H 94 45.30 13.50 -6.48
CA SER H 94 46.66 13.01 -6.47
C SER H 94 46.81 11.80 -7.40
N GLU H 95 45.70 11.10 -7.62
CA GLU H 95 45.66 9.86 -8.37
C GLU H 95 45.00 10.06 -9.73
N ALA H 96 44.26 11.16 -9.87
CA ALA H 96 43.59 11.46 -11.13
C ALA H 96 44.64 11.69 -12.19
N SER H 97 44.39 11.18 -13.39
CA SER H 97 45.39 11.31 -14.46
C SER H 97 45.71 12.76 -14.80
N PRO H 98 46.99 13.08 -15.02
CA PRO H 98 47.30 14.40 -15.54
C PRO H 98 46.53 14.55 -16.85
N GLY H 99 45.95 15.72 -17.05
CA GLY H 99 45.12 15.96 -18.23
C GLY H 99 43.64 16.03 -17.88
N SER H 100 43.23 15.23 -16.90
CA SER H 100 41.87 15.27 -16.38
C SER H 100 41.66 16.53 -15.52
N ILE H 101 40.41 16.90 -15.32
CA ILE H 101 40.10 18.13 -14.60
C ILE H 101 40.70 18.08 -13.20
N ARG H 102 40.32 17.07 -12.43
CA ARG H 102 40.85 16.93 -11.07
C ARG H 102 42.37 16.83 -11.09
N GLY H 103 42.87 16.04 -12.03
CA GLY H 103 44.30 15.86 -12.21
C GLY H 103 45.08 17.15 -12.31
N ASP H 104 44.59 18.09 -13.11
CA ASP H 104 45.31 19.33 -13.39
C ASP H 104 44.95 20.47 -12.44
N LEU H 105 43.72 20.46 -11.94
CA LEU H 105 43.25 21.60 -11.17
C LEU H 105 43.11 21.40 -9.65
N GLY H 106 42.82 20.18 -9.19
CA GLY H 106 42.48 19.96 -7.78
C GLY H 106 43.64 19.54 -6.91
N LEU H 107 43.56 19.78 -5.61
CA LEU H 107 44.67 19.43 -4.73
C LEU H 107 44.38 18.27 -3.77
N THR H 108 43.22 18.31 -3.14
CA THR H 108 42.87 17.38 -2.09
C THR H 108 41.50 16.77 -2.41
N VAL H 109 41.28 15.56 -1.92
CA VAL H 109 40.04 14.81 -2.17
C VAL H 109 38.74 15.57 -1.77
N GLY H 110 38.81 16.34 -0.67
CA GLY H 110 37.68 17.14 -0.22
C GLY H 110 37.40 18.37 -1.08
N ARG H 111 38.47 18.91 -1.70
CA ARG H 111 38.36 20.07 -2.58
C ARG H 111 38.74 19.70 -4.01
N ASN H 112 37.83 19.06 -4.71
CA ASN H 112 38.20 18.48 -6.01
C ASN H 112 37.39 18.94 -7.24
N ILE H 113 37.07 20.25 -7.23
CA ILE H 113 36.65 21.00 -8.45
C ILE H 113 35.23 20.71 -8.96
N ILE H 114 34.97 19.44 -9.30
CA ILE H 114 33.75 19.11 -10.03
C ILE H 114 33.17 17.78 -9.61
N HIS H 115 31.84 17.72 -9.51
CA HIS H 115 31.15 16.44 -9.31
C HIS H 115 30.54 15.97 -10.61
N GLY H 116 30.59 14.64 -10.81
CA GLY H 116 29.94 13.97 -11.93
C GLY H 116 29.09 12.83 -11.39
N SER H 117 27.93 12.60 -12.02
CA SER H 117 27.09 11.42 -11.76
C SER H 117 27.95 10.17 -11.92
N ASP H 118 27.83 9.21 -11.01
CA ASP H 118 28.69 8.01 -11.07
C ASP H 118 28.11 6.75 -11.76
N SER H 119 26.90 6.85 -12.28
CA SER H 119 26.12 5.73 -12.87
C SER H 119 24.93 6.27 -13.63
N LEU H 120 24.41 5.51 -14.58
CA LEU H 120 23.16 5.90 -15.26
C LEU H 120 22.06 6.11 -14.25
N GLU H 121 22.11 5.26 -13.22
CA GLU H 121 21.18 5.26 -12.09
C GLU H 121 21.11 6.62 -11.38
N SER H 122 22.23 7.03 -10.78
CA SER H 122 22.32 8.30 -10.06
C SER H 122 22.30 9.51 -11.00
N ALA H 123 22.66 9.31 -12.27
CA ALA H 123 22.54 10.38 -13.26
C ALA H 123 21.10 10.81 -13.35
N GLU H 124 20.25 9.84 -13.69
CA GLU H 124 18.82 10.10 -13.84
C GLU H 124 18.12 10.55 -12.52
N ARG H 125 18.71 10.22 -11.36
CA ARG H 125 18.27 10.78 -10.06
C ARG H 125 18.71 12.26 -9.89
N GLU H 126 20.01 12.49 -10.01
CA GLU H 126 20.59 13.82 -9.83
C GLU H 126 19.99 14.86 -10.78
N ILE H 127 19.82 14.50 -12.07
CA ILE H 127 19.21 15.42 -13.04
C ILE H 127 17.81 15.91 -12.60
N ASN H 128 16.96 15.00 -12.11
CA ASN H 128 15.60 15.36 -11.68
C ASN H 128 15.60 16.15 -10.36
N LEU H 129 16.59 15.86 -9.51
CA LEU H 129 16.73 16.53 -8.22
C LEU H 129 17.12 17.99 -8.38
N TRP H 130 18.03 18.25 -9.31
CA TRP H 130 18.58 19.60 -9.51
C TRP H 130 17.86 20.44 -10.54
N PHE H 131 17.24 19.78 -11.52
CA PHE H 131 16.63 20.48 -12.66
C PHE H 131 15.17 20.07 -12.90
N ASN H 132 14.37 20.99 -13.43
CA ASN H 132 13.05 20.66 -13.96
C ASN H 132 13.10 20.71 -15.49
N GLU H 133 12.48 19.79 -16.18
CA GLU H 133 12.50 19.58 -17.62
C GLU H 133 12.50 20.91 -18.37
N ASN H 134 11.74 21.86 -17.94
CA ASN H 134 11.63 23.18 -18.60
C ASN H 134 12.93 24.03 -18.55
N GLU H 135 13.86 23.63 -17.68
CA GLU H 135 15.19 24.24 -17.58
C GLU H 135 16.16 23.58 -18.54
N ILE H 136 15.81 22.35 -18.94
CA ILE H 136 16.64 21.55 -19.84
C ILE H 136 16.20 21.69 -21.29
N THR H 137 17.00 22.41 -22.08
CA THR H 137 16.78 22.56 -23.51
C THR H 137 17.21 21.27 -24.25
N SER H 138 16.68 21.00 -25.43
CA SER H 138 17.22 20.04 -26.38
C SER H 138 17.40 20.66 -27.75
N TYR H 139 18.54 20.54 -28.38
CA TYR H 139 18.83 21.25 -29.62
C TYR H 139 19.91 20.53 -30.40
N ALA H 140 19.88 20.75 -31.72
CA ALA H 140 20.89 20.20 -32.60
C ALA H 140 22.09 21.17 -32.73
N SER H 141 23.29 20.62 -32.77
CA SER H 141 24.52 21.39 -32.96
C SER H 141 25.16 20.95 -34.26
N PRO H 142 25.76 21.92 -34.99
CA PRO H 142 26.44 21.68 -36.27
C PRO H 142 27.46 20.55 -36.20
N ARG H 143 28.12 20.36 -35.05
CA ARG H 143 29.17 19.34 -34.92
C ARG H 143 28.65 17.92 -34.70
N ASP H 144 27.37 17.78 -34.33
CA ASP H 144 26.82 16.44 -34.04
C ASP H 144 27.08 15.43 -35.17
N ALA H 145 26.93 15.90 -36.41
CA ALA H 145 27.20 15.08 -37.60
C ALA H 145 28.65 14.61 -37.68
N TRP H 146 29.51 15.14 -36.79
CA TRP H 146 30.97 14.92 -36.83
C TRP H 146 31.55 14.37 -35.54
N LEU H 147 30.68 14.08 -34.57
CA LEU H 147 31.12 13.44 -33.33
C LEU H 147 30.72 11.97 -33.37
N TYR H 148 29.56 11.72 -33.99
CA TYR H 148 28.99 10.38 -34.06
C TYR H 148 28.83 10.01 -35.53
N GLU H 149 28.96 8.73 -35.87
CA GLU H 149 28.75 8.26 -37.23
C GLU H 149 27.27 8.31 -37.60
#